data_7G59
#
_entry.id   7G59
#
_cell.length_a   84.521
_cell.length_b   91.926
_cell.length_c   120.213
_cell.angle_alpha   90.000
_cell.angle_beta   90.000
_cell.angle_gamma   90.000
#
_symmetry.space_group_name_H-M   'P 21 21 21'
#
loop_
_entity.id
_entity.type
_entity.pdbx_description
1 polymer 'Isoform 2 of Ectonucleotide pyrophosphatase/phosphodiesterase family member 2'
2 branched alpha-D-mannopyranose-(1-2)-alpha-D-mannopyranose-(1-3)-[alpha-D-mannopyranose-(1-6)]alpha-D-mannopyranose-(1-6)-[alpha-D-mannopyranose-(1-2)-alpha-D-mannopyranose-(1-3)]beta-D-mannopyranose-(1-4)-2-acetamido-2-deoxy-beta-D-glucopyranose-(1-4)-2-acetamido-2-deoxy-beta-D-glucopyranose
3 non-polymer '[2-fluoro-4-(2,2,2-trifluoroethoxy)phenyl]methyl 2-[(5S)-4,5,6,7-tetrahydro-1H-benzotriazole-5-carbonyl]-2,7-diazaspiro[3.5]nonane-7-carboxylate'
4 non-polymer '[2-fluoro-4-(2,2,2-trifluoroethoxy)phenyl]methyl 2-[(5R)-4,5,6,7-tetrahydro-1H-benzotriazole-5-carbonyl]-2,7-diazaspiro[3.5]nonane-7-carboxylate'
5 non-polymer 'ZINC ION'
6 non-polymer 'SODIUM ION'
7 non-polymer 'CALCIUM ION'
8 non-polymer 'CHLORIDE ION'
9 non-polymer 'ACETATE ION'
10 water water
#
_entity_poly.entity_id   1
_entity_poly.type   'polypeptide(L)'
_entity_poly.pdbx_seq_one_letter_code
;FTASRIKRAEWDEGPPTVLSDSPWTATSGSCKGRCFELQEVGPPDCRCDNLCKSYSSCCHDFDELCLKTARGWECTKDRC
GEVRNEENACHCSEDCLSRGDCCTNYQVVCKGESHWVDDDCEEIKVPECPAGFVRPPLIIFSVDGFRASYMKKGSKVMPN
IEKLRSCGTHAPYMRPVYPTKTFPNLYTLATGLYPESHGIVGNSMYDPVFDASFHLRGREKFNHRWWGGQPLWITATKQG
VRAGTFFWSVSIPHERRILTILQWLSLPDNERPSVYAFYSEQPDFSGHKYGPFGPEMTNPLREIDKTVGQLMDGLKQLRL
HRCVNVIFVGDHGMEDVTCDRTEFLSNYLTNVDDITLVPGTLGRIRAKSINNSKYDPKTIIAALTCKKPDQHFKPYMKQH
LPKRLHYANNRRIEDIHLLVDRRWHVARKPLDVYKKPSGKCFFQGDHGFDNKVNSMQTVFVGYGPTFKYRTKVPPFENIE
LYNVMCDLLGLKPAPNNGTHGSLNHLLRTNTFRPTMPDEVSRPNYPGIMYLQSEFDLGCTCDDKVEPKNKLEELNKRLHT
KGSTKERHLLYGRPAVLYRTSYDILYHTDFESGYSEIFLMPLWTSYTISKQAEVSSIPEHLTNCVRPDVRVSPGFSQNCL
AYKNDKQMSYGFLFPPYLSSSPEAKYDAFLVTNMVPMYPAFKRVWAYFQRVLVKKYASERNGVNVISGPIFDYNYDGLRD
TEDEIKQYVEGSSIPVPTHYYSIITSCLDFTQPADKCDGPLSVSSFILPHRPDNDESCNSSEDESKWVEELMKMHTARVR
DIEHLTGLDFYRKTSRSYSEILTLKTYLHTYESEIGGRHHHHHHHH
;
_entity_poly.pdbx_strand_id   A
#
loop_
_chem_comp.id
_chem_comp.type
_chem_comp.name
_chem_comp.formula
ACT non-polymer 'ACETATE ION' 'C2 H3 O2 -1'
BMA D-saccharide, beta linking beta-D-mannopyranose 'C6 H12 O6'
CA non-polymer 'CALCIUM ION' 'Ca 2'
CL non-polymer 'CHLORIDE ION' 'Cl -1'
MAN D-saccharide, alpha linking alpha-D-mannopyranose 'C6 H12 O6'
NA non-polymer 'SODIUM ION' 'Na 1'
NAG D-saccharide, beta linking 2-acetamido-2-deoxy-beta-D-glucopyranose 'C8 H15 N O6'
YFX non-polymer '[2-fluoro-4-(2,2,2-trifluoroethoxy)phenyl]methyl 2-[(5S)-4,5,6,7-tetrahydro-1H-benzotriazole-5-carbonyl]-2,7-diazaspiro[3.5]nonane-7-carboxylate' 'C24 H27 F4 N5 O4'
ZIS non-polymer '[2-fluoro-4-(2,2,2-trifluoroethoxy)phenyl]methyl 2-[(5R)-4,5,6,7-tetrahydro-1H-benzotriazole-5-carbonyl]-2,7-diazaspiro[3.5]nonane-7-carboxylate' 'C24 H27 F4 N5 O4'
ZN non-polymer 'ZINC ION' 'Zn 2'
#
# COMPACT_ATOMS: atom_id res chain seq x y z
N THR A 25 4.65 -42.47 13.94
CA THR A 25 3.65 -41.47 14.48
C THR A 25 2.61 -42.13 15.42
N ALA A 26 1.52 -41.41 15.72
CA ALA A 26 0.47 -41.93 16.59
C ALA A 26 -0.93 -41.47 16.18
N THR A 27 -1.73 -42.39 15.65
CA THR A 27 -3.17 -42.12 15.54
C THR A 27 -4.04 -43.27 16.09
N SER A 28 -4.89 -42.88 17.04
CA SER A 28 -5.87 -43.70 17.76
C SER A 28 -6.47 -42.70 18.76
N GLY A 29 -7.67 -42.98 19.26
CA GLY A 29 -8.43 -41.94 19.90
C GLY A 29 -9.39 -41.39 18.87
N SER A 30 -10.28 -40.52 19.32
CA SER A 30 -11.49 -40.24 18.60
C SER A 30 -11.89 -38.77 18.62
N CYS A 31 -12.46 -38.31 17.52
CA CYS A 31 -12.96 -36.95 17.43
C CYS A 31 -14.32 -36.81 18.09
N LYS A 32 -14.78 -37.87 18.74
CA LYS A 32 -16.05 -37.90 19.49
C LYS A 32 -16.15 -36.64 20.38
N GLY A 33 -17.13 -35.79 20.09
CA GLY A 33 -17.33 -34.51 20.79
C GLY A 33 -16.22 -33.43 20.70
N ARG A 34 -15.26 -33.61 19.80
CA ARG A 34 -14.15 -32.66 19.61
C ARG A 34 -14.05 -32.07 18.20
N CYS A 35 -15.09 -32.18 17.37
CA CYS A 35 -14.91 -31.77 15.98
C CYS A 35 -14.55 -30.27 15.89
N PHE A 36 -13.47 -29.92 15.18
CA PHE A 36 -13.07 -28.49 15.04
C PHE A 36 -12.87 -27.80 16.40
N GLU A 37 -12.31 -28.55 17.35
CA GLU A 37 -11.78 -28.04 18.62
C GLU A 37 -10.84 -26.85 18.37
N LEU A 38 -10.85 -25.90 19.29
CA LEU A 38 -10.11 -24.66 19.10
C LEU A 38 -8.68 -24.69 19.58
N GLN A 39 -8.42 -25.40 20.67
CA GLN A 39 -7.06 -25.58 21.14
C GLN A 39 -6.49 -26.85 20.53
N GLU A 40 -5.25 -26.77 20.06
CA GLU A 40 -4.54 -27.92 19.52
C GLU A 40 -4.25 -28.97 20.61
N VAL A 41 -4.18 -30.24 20.23
CA VAL A 41 -3.71 -31.31 21.14
C VAL A 41 -2.27 -31.70 20.81
N GLY A 42 -1.52 -32.05 21.87
CA GLY A 42 -0.15 -32.54 21.72
C GLY A 42 -0.10 -34.06 21.58
N PRO A 43 0.78 -34.55 20.65
CA PRO A 43 1.17 -35.97 20.63
C PRO A 43 1.45 -36.39 22.10
N PRO A 44 0.84 -37.51 22.60
CA PRO A 44 0.33 -38.71 21.91
C PRO A 44 -0.78 -38.50 20.87
N ASP A 45 -1.71 -37.60 21.17
CA ASP A 45 -3.04 -37.65 20.57
C ASP A 45 -3.18 -37.22 19.09
N CYS A 46 -4.10 -37.88 18.39
CA CYS A 46 -4.57 -37.45 17.07
C CYS A 46 -5.36 -36.14 17.23
N ARG A 47 -5.38 -35.35 16.16
CA ARG A 47 -5.98 -34.02 16.18
C ARG A 47 -7.35 -33.99 15.50
N CYS A 48 -8.23 -33.12 15.98
CA CYS A 48 -9.57 -32.93 15.38
C CYS A 48 -9.84 -31.47 14.95
N ASP A 49 -8.79 -30.69 14.72
CA ASP A 49 -8.93 -29.28 14.29
C ASP A 49 -8.83 -29.16 12.76
N ASN A 50 -9.12 -27.97 12.22
CA ASN A 50 -9.17 -27.80 10.74
C ASN A 50 -7.83 -27.76 10.08
N LEU A 51 -6.78 -28.00 10.87
CA LEU A 51 -5.42 -28.07 10.39
C LEU A 51 -4.91 -29.52 10.28
N CYS A 52 -5.63 -30.46 10.92
CA CYS A 52 -5.18 -31.86 11.05
C CYS A 52 -4.97 -32.58 9.71
N LYS A 53 -5.83 -32.30 8.73
CA LYS A 53 -5.70 -32.90 7.40
C LYS A 53 -4.34 -32.63 6.79
N SER A 54 -3.82 -31.41 7.01
CA SER A 54 -2.51 -30.97 6.49
C SER A 54 -1.29 -31.58 7.18
N TYR A 55 -1.51 -32.26 8.31
CA TYR A 55 -0.47 -32.93 9.09
C TYR A 55 -0.65 -34.45 9.08
N SER A 56 -1.55 -34.94 8.21
CA SER A 56 -2.03 -36.35 8.23
C SER A 56 -2.06 -36.88 9.67
N SER A 57 -2.85 -36.23 10.51
CA SER A 57 -2.83 -36.49 11.94
C SER A 57 -4.22 -36.39 12.53
N CYS A 58 -5.24 -36.37 11.66
CA CYS A 58 -6.63 -36.43 12.10
C CYS A 58 -6.89 -37.80 12.74
N CYS A 59 -7.82 -37.89 13.69
CA CYS A 59 -8.22 -39.20 14.23
C CYS A 59 -8.90 -40.00 13.13
N HIS A 60 -8.80 -41.34 13.22
CA HIS A 60 -9.40 -42.24 12.24
C HIS A 60 -10.85 -41.90 11.90
N ASP A 61 -11.58 -41.34 12.86
CA ASP A 61 -13.02 -41.11 12.71
C ASP A 61 -13.36 -39.65 12.40
N PHE A 62 -12.32 -38.85 12.11
CA PHE A 62 -12.53 -37.43 11.78
C PHE A 62 -13.58 -37.20 10.68
N ASP A 63 -13.39 -37.80 9.51
CA ASP A 63 -14.33 -37.62 8.38
C ASP A 63 -15.74 -38.04 8.75
N GLU A 64 -15.82 -39.13 9.53
CA GLU A 64 -17.12 -39.71 9.87
C GLU A 64 -17.93 -38.77 10.78
N LEU A 65 -17.32 -38.35 11.87
CA LEU A 65 -18.01 -37.53 12.87
C LEU A 65 -18.00 -36.05 12.53
N CYS A 66 -16.87 -35.56 12.00
CA CYS A 66 -16.69 -34.13 11.76
C CYS A 66 -17.13 -33.67 10.39
N LEU A 67 -17.07 -34.55 9.39
CA LEU A 67 -17.39 -34.12 8.03
C LEU A 67 -18.67 -34.76 7.47
N LYS A 68 -19.71 -34.76 8.30
CA LYS A 68 -20.99 -35.39 7.95
C LYS A 68 -21.53 -34.66 6.75
N THR A 69 -22.23 -35.38 5.87
CA THR A 69 -22.80 -34.78 4.67
C THR A 69 -24.23 -35.21 4.39
N ALA A 70 -24.70 -36.27 5.07
CA ALA A 70 -26.04 -36.84 4.91
C ALA A 70 -27.14 -35.77 4.85
N ARG A 71 -27.98 -35.88 3.83
CA ARG A 71 -29.16 -35.02 3.62
C ARG A 71 -28.82 -33.63 3.09
N GLY A 72 -27.53 -33.31 2.92
CA GLY A 72 -27.16 -32.01 2.31
C GLY A 72 -27.24 -30.84 3.28
N TRP A 73 -27.49 -29.62 2.77
CA TRP A 73 -27.26 -28.41 3.57
C TRP A 73 -28.48 -27.57 3.93
N GLU A 74 -29.66 -28.01 3.48
CA GLU A 74 -30.88 -27.21 3.62
C GLU A 74 -32.06 -27.98 4.20
N CYS A 75 -32.85 -27.34 5.07
CA CYS A 75 -34.11 -27.93 5.54
C CYS A 75 -35.15 -27.91 4.42
N THR A 76 -35.92 -28.99 4.35
CA THR A 76 -37.06 -29.09 3.43
C THR A 76 -38.29 -29.19 4.30
N LYS A 77 -39.45 -28.86 3.69
CA LYS A 77 -40.75 -28.80 4.38
C LYS A 77 -41.05 -29.97 5.30
N ASP A 78 -40.67 -31.16 4.87
CA ASP A 78 -40.95 -32.38 5.61
C ASP A 78 -40.01 -32.62 6.80
N ARG A 79 -38.77 -32.18 6.69
CA ARG A 79 -37.80 -32.40 7.77
C ARG A 79 -38.17 -31.60 9.02
N CYS A 80 -39.14 -30.70 8.88
CA CYS A 80 -39.53 -29.85 10.00
C CYS A 80 -40.04 -30.64 11.20
N GLY A 81 -39.56 -30.27 12.38
CA GLY A 81 -39.88 -30.98 13.62
C GLY A 81 -39.36 -32.41 13.73
N GLU A 82 -38.62 -32.87 12.73
CA GLU A 82 -38.06 -34.23 12.69
C GLU A 82 -37.44 -34.71 14.00
N VAL A 83 -37.21 -36.02 14.08
CA VAL A 83 -36.43 -36.57 15.17
C VAL A 83 -34.94 -36.45 14.88
N ARG A 84 -34.22 -35.82 15.80
CA ARG A 84 -32.79 -35.65 15.68
C ARG A 84 -32.14 -36.96 15.23
N ASN A 85 -31.27 -36.83 14.24
CA ASN A 85 -30.52 -37.94 13.69
C ASN A 85 -29.11 -37.44 13.48
N GLU A 86 -28.20 -37.93 14.33
CA GLU A 86 -26.84 -37.38 14.43
C GLU A 86 -25.98 -37.54 13.18
N GLU A 87 -26.44 -38.36 12.23
CA GLU A 87 -25.70 -38.56 10.98
C GLU A 87 -25.89 -37.44 9.94
N ASN A 88 -26.95 -36.64 10.12
CA ASN A 88 -27.23 -35.55 9.20
C ASN A 88 -26.18 -34.44 9.31
N ALA A 89 -25.84 -33.84 8.17
CA ALA A 89 -24.87 -32.75 8.13
C ALA A 89 -25.41 -31.56 8.94
N CYS A 90 -26.70 -31.29 8.86
CA CYS A 90 -27.32 -30.28 9.76
C CYS A 90 -28.74 -30.68 10.09
N HIS A 91 -29.36 -29.99 11.05
CA HIS A 91 -30.61 -30.47 11.64
C HIS A 91 -31.80 -29.55 11.47
N CYS A 92 -32.97 -30.16 11.40
CA CYS A 92 -34.22 -29.43 11.29
C CYS A 92 -35.12 -29.77 12.46
N SER A 93 -34.54 -30.44 13.45
CA SER A 93 -35.30 -30.90 14.63
C SER A 93 -35.52 -29.77 15.65
N GLU A 94 -36.50 -29.95 16.52
CA GLU A 94 -36.94 -28.91 17.45
C GLU A 94 -35.85 -28.34 18.35
N ASP A 95 -34.84 -29.15 18.65
CA ASP A 95 -33.81 -28.77 19.60
C ASP A 95 -32.57 -28.15 18.95
N CYS A 96 -32.59 -27.98 17.63
CA CYS A 96 -31.35 -27.61 16.91
C CYS A 96 -30.85 -26.23 17.29
N LEU A 97 -31.76 -25.27 17.45
CA LEU A 97 -31.34 -23.90 17.79
C LEU A 97 -30.43 -23.81 19.00
N SER A 98 -30.83 -24.42 20.12
CA SER A 98 -30.06 -24.39 21.38
C SER A 98 -28.83 -25.31 21.38
N ARG A 99 -28.92 -26.41 20.62
CA ARG A 99 -27.76 -27.27 20.27
C ARG A 99 -26.78 -26.57 19.30
N GLY A 100 -27.21 -25.45 18.71
CA GLY A 100 -26.37 -24.63 17.81
C GLY A 100 -26.08 -25.19 16.41
N ASP A 101 -26.90 -26.12 15.92
CA ASP A 101 -26.53 -26.85 14.71
C ASP A 101 -27.66 -27.06 13.70
N CYS A 102 -28.63 -26.15 13.67
CA CYS A 102 -29.63 -26.16 12.59
C CYS A 102 -28.97 -25.92 11.23
N CYS A 103 -29.62 -26.36 10.16
CA CYS A 103 -29.31 -25.88 8.80
C CYS A 103 -29.58 -24.39 8.79
N THR A 104 -28.88 -23.66 7.92
CA THR A 104 -28.92 -22.21 8.04
C THR A 104 -30.30 -21.65 7.67
N ASN A 105 -31.08 -22.43 6.92
CA ASN A 105 -32.40 -21.97 6.46
C ASN A 105 -33.56 -22.56 7.31
N TYR A 106 -33.21 -23.23 8.40
CA TYR A 106 -34.20 -23.81 9.31
C TYR A 106 -35.45 -22.95 9.58
N GLN A 107 -35.25 -21.79 10.19
CA GLN A 107 -36.35 -20.92 10.61
CA GLN A 107 -36.38 -20.96 10.60
C GLN A 107 -37.17 -20.38 9.43
N VAL A 108 -36.57 -20.34 8.25
CA VAL A 108 -37.33 -19.85 7.09
C VAL A 108 -38.28 -20.99 6.63
N VAL A 109 -37.77 -22.21 6.60
CA VAL A 109 -38.52 -23.34 6.06
C VAL A 109 -39.54 -23.88 7.06
N CYS A 110 -39.14 -23.94 8.33
CA CYS A 110 -39.98 -24.49 9.40
C CYS A 110 -40.70 -23.47 10.32
N LYS A 111 -40.22 -22.22 10.40
CA LYS A 111 -40.85 -21.27 11.34
C LYS A 111 -41.42 -20.02 10.69
N GLY A 112 -41.63 -20.07 9.37
CA GLY A 112 -42.18 -18.94 8.61
C GLY A 112 -41.35 -17.66 8.56
N GLU A 113 -40.08 -17.73 9.01
CA GLU A 113 -39.19 -16.56 8.98
C GLU A 113 -38.77 -16.14 7.57
N SER A 114 -38.30 -14.91 7.43
CA SER A 114 -37.76 -14.41 6.15
C SER A 114 -36.21 -14.53 6.05
N HIS A 115 -35.71 -14.72 4.82
CA HIS A 115 -34.27 -14.69 4.55
C HIS A 115 -33.80 -13.29 4.88
N TRP A 116 -32.61 -13.20 5.47
CA TRP A 116 -31.97 -11.92 5.79
C TRP A 116 -31.95 -11.04 4.56
N VAL A 117 -31.61 -11.59 3.39
CA VAL A 117 -31.60 -10.78 2.16
C VAL A 117 -32.95 -10.11 1.82
N ASP A 118 -34.05 -10.76 2.18
CA ASP A 118 -35.36 -10.15 1.94
C ASP A 118 -35.82 -9.01 2.86
N ASP A 119 -35.19 -8.86 4.03
CA ASP A 119 -35.54 -7.83 4.99
C ASP A 119 -34.98 -6.47 4.54
N ASP A 120 -35.69 -5.39 4.83
CA ASP A 120 -35.17 -4.07 4.50
C ASP A 120 -33.96 -3.88 5.40
N CYS A 121 -33.01 -3.07 5.02
CA CYS A 121 -32.02 -2.76 6.05
C CYS A 121 -32.54 -1.72 6.99
N GLU A 122 -32.16 -1.86 8.24
CA GLU A 122 -32.49 -0.91 9.25
C GLU A 122 -31.14 -0.59 9.84
N GLU A 123 -30.85 0.69 9.98
CA GLU A 123 -29.69 1.16 10.70
C GLU A 123 -29.45 0.38 12.00
N ILE A 124 -28.21 -0.02 12.23
CA ILE A 124 -27.81 -0.68 13.46
C ILE A 124 -27.06 0.38 14.29
N LYS A 125 -27.81 1.17 15.06
CA LYS A 125 -27.23 2.24 15.89
C LYS A 125 -26.37 1.70 17.04
N VAL A 126 -26.76 0.59 17.63
CA VAL A 126 -26.00 0.05 18.76
C VAL A 126 -25.94 -1.46 18.60
N PRO A 127 -24.94 -2.10 19.20
CA PRO A 127 -24.99 -3.56 19.06
C PRO A 127 -26.16 -4.20 19.82
N GLU A 128 -26.88 -5.10 19.14
CA GLU A 128 -27.99 -5.86 19.72
C GLU A 128 -27.58 -7.32 19.88
N CYS A 129 -26.90 -7.61 21.00
CA CYS A 129 -26.25 -8.90 21.20
C CYS A 129 -26.99 -9.67 22.31
N PRO A 130 -26.94 -11.02 22.29
CA PRO A 130 -27.42 -11.80 23.44
C PRO A 130 -26.62 -11.55 24.69
N ALA A 131 -27.26 -11.78 25.83
CA ALA A 131 -26.64 -11.53 27.13
C ALA A 131 -25.40 -12.40 27.23
N GLY A 132 -24.32 -11.84 27.74
CA GLY A 132 -23.08 -12.59 27.81
C GLY A 132 -22.07 -12.26 26.72
N PHE A 133 -22.48 -11.58 25.67
CA PHE A 133 -21.53 -11.09 24.67
C PHE A 133 -20.80 -9.83 25.16
N VAL A 134 -19.49 -9.91 25.37
CA VAL A 134 -18.76 -8.77 25.92
C VAL A 134 -18.45 -7.68 24.87
N ARG A 135 -18.55 -8.04 23.60
CA ARG A 135 -18.11 -7.20 22.50
C ARG A 135 -18.71 -7.76 21.22
N PRO A 136 -18.99 -6.90 20.24
CA PRO A 136 -19.57 -7.44 19.00
C PRO A 136 -18.49 -8.36 18.31
N PRO A 137 -18.87 -9.58 17.92
CA PRO A 137 -17.84 -10.40 17.21
C PRO A 137 -17.52 -9.77 15.84
N LEU A 138 -16.34 -10.09 15.32
CA LEU A 138 -15.91 -9.73 13.96
C LEU A 138 -15.81 -11.01 13.08
N ILE A 139 -16.53 -11.02 11.96
CA ILE A 139 -16.33 -12.10 10.96
C ILE A 139 -15.70 -11.52 9.68
N ILE A 140 -14.54 -12.03 9.29
CA ILE A 140 -13.88 -11.60 8.09
C ILE A 140 -14.18 -12.63 6.98
N PHE A 141 -14.88 -12.18 5.93
CA PHE A 141 -15.29 -13.14 4.88
C PHE A 141 -14.35 -12.88 3.73
N SER A 142 -13.34 -13.69 3.53
CA SER A 142 -12.36 -13.28 2.57
C SER A 142 -12.48 -14.08 1.26
N VAL A 143 -12.52 -13.36 0.13
CA VAL A 143 -12.74 -14.00 -1.17
C VAL A 143 -11.50 -13.80 -2.09
N ASP A 144 -11.01 -14.91 -2.68
CA ASP A 144 -9.81 -14.90 -3.50
C ASP A 144 -10.09 -14.45 -4.93
N GLY A 145 -9.32 -13.47 -5.41
CA GLY A 145 -9.48 -12.96 -6.79
C GLY A 145 -10.74 -12.17 -7.05
N PHE A 146 -11.37 -11.64 -6.00
CA PHE A 146 -12.58 -10.88 -6.16
C PHE A 146 -12.27 -9.46 -6.61
N ARG A 147 -12.23 -9.30 -7.93
CA ARG A 147 -11.89 -8.03 -8.59
C ARG A 147 -12.93 -6.94 -8.27
N ALA A 148 -12.49 -5.71 -8.15
CA ALA A 148 -13.34 -4.63 -7.66
C ALA A 148 -14.58 -4.43 -8.51
N SER A 149 -14.44 -4.54 -9.83
CA SER A 149 -15.61 -4.28 -10.73
C SER A 149 -16.67 -5.39 -10.64
N TYR A 150 -16.37 -6.54 -10.02
CA TYR A 150 -17.48 -7.54 -9.85
C TYR A 150 -18.64 -6.95 -9.08
N MET A 151 -18.38 -5.94 -8.22
CA MET A 151 -19.49 -5.37 -7.42
C MET A 151 -20.59 -4.72 -8.27
N LYS A 152 -20.19 -4.05 -9.34
CA LYS A 152 -21.16 -3.42 -10.21
C LYS A 152 -21.56 -4.42 -11.25
N LYS A 153 -20.57 -5.10 -11.83
CA LYS A 153 -20.82 -5.98 -12.96
C LYS A 153 -21.54 -7.32 -12.66
N GLY A 154 -21.41 -7.83 -11.45
CA GLY A 154 -22.11 -9.06 -11.06
C GLY A 154 -23.30 -8.80 -10.15
N SER A 155 -23.72 -7.55 -10.08
CA SER A 155 -24.65 -7.13 -9.04
C SER A 155 -26.00 -7.84 -9.11
N LYS A 156 -26.43 -8.21 -10.32
CA LYS A 156 -27.72 -8.93 -10.49
C LYS A 156 -27.68 -10.30 -9.89
N VAL A 157 -26.51 -10.89 -9.84
CA VAL A 157 -26.45 -12.22 -9.35
C VAL A 157 -25.96 -12.34 -7.91
N MET A 158 -25.73 -11.23 -7.23
CA MET A 158 -25.16 -11.28 -5.87
C MET A 158 -26.01 -10.45 -4.88
N PRO A 159 -27.29 -10.84 -4.67
CA PRO A 159 -28.15 -9.97 -3.85
C PRO A 159 -27.72 -9.81 -2.36
N ASN A 160 -27.22 -10.87 -1.70
CA ASN A 160 -26.77 -10.79 -0.31
C ASN A 160 -25.56 -9.86 -0.19
N ILE A 161 -24.59 -10.04 -1.08
CA ILE A 161 -23.42 -9.16 -1.12
C ILE A 161 -23.80 -7.72 -1.37
N GLU A 162 -24.78 -7.53 -2.25
CA GLU A 162 -25.20 -6.20 -2.61
C GLU A 162 -25.95 -5.50 -1.49
N LYS A 163 -26.71 -6.26 -0.69
CA LYS A 163 -27.30 -5.71 0.52
C LYS A 163 -26.23 -5.31 1.54
N LEU A 164 -25.24 -6.18 1.76
CA LEU A 164 -24.10 -5.79 2.67
C LEU A 164 -23.47 -4.48 2.26
N ARG A 165 -23.11 -4.44 0.98
CA ARG A 165 -22.49 -3.29 0.37
C ARG A 165 -23.33 -2.03 0.49
N SER A 166 -24.62 -2.10 0.14
CA SER A 166 -25.36 -0.84 0.11
C SER A 166 -25.89 -0.41 1.50
N CYS A 167 -26.11 -1.34 2.40
CA CYS A 167 -26.57 -0.95 3.75
C CYS A 167 -25.39 -0.65 4.69
N GLY A 168 -24.20 -1.21 4.39
CA GLY A 168 -23.03 -1.03 5.29
C GLY A 168 -22.16 0.11 4.85
N THR A 169 -20.86 -0.03 5.12
CA THR A 169 -19.85 0.88 4.63
C THR A 169 -19.04 0.21 3.48
N HIS A 170 -18.82 0.91 2.36
CA HIS A 170 -18.05 0.27 1.27
C HIS A 170 -17.14 1.30 0.56
N ALA A 171 -16.05 0.81 -0.02
CA ALA A 171 -15.22 1.61 -0.86
C ALA A 171 -15.48 1.13 -2.29
N PRO A 172 -15.26 2.01 -3.28
CA PRO A 172 -15.38 1.59 -4.71
C PRO A 172 -14.36 0.48 -5.04
N TYR A 173 -13.18 0.52 -4.38
CA TYR A 173 -12.20 -0.56 -4.46
C TYR A 173 -11.25 -0.43 -3.33
N MET A 174 -10.50 -1.50 -3.09
CA MET A 174 -9.41 -1.49 -2.10
C MET A 174 -8.13 -1.88 -2.83
N ARG A 175 -7.05 -1.14 -2.60
CA ARG A 175 -5.73 -1.42 -3.21
C ARG A 175 -4.97 -2.54 -2.51
N PRO A 176 -4.72 -3.64 -3.26
CA PRO A 176 -3.89 -4.71 -2.68
C PRO A 176 -2.45 -4.22 -2.52
N VAL A 177 -1.57 -5.08 -2.01
CA VAL A 177 -0.14 -4.83 -1.99
C VAL A 177 0.56 -5.58 -3.14
N TYR A 178 1.74 -5.12 -3.50
CA TYR A 178 2.59 -5.80 -4.52
C TYR A 178 3.49 -6.88 -3.89
N PRO A 179 3.57 -8.10 -4.50
CA PRO A 179 2.90 -8.64 -5.70
C PRO A 179 1.44 -8.89 -5.40
N THR A 180 0.57 -8.62 -6.35
CA THR A 180 -0.84 -8.86 -6.14
C THR A 180 -1.22 -10.38 -6.28
N LYS A 181 -0.53 -11.17 -5.46
CA LYS A 181 -0.72 -12.60 -5.25
C LYS A 181 -1.38 -12.88 -3.87
N THR A 182 -1.80 -14.13 -3.66
CA THR A 182 -2.61 -14.56 -2.51
C THR A 182 -1.93 -14.51 -1.16
N PHE A 183 -0.75 -15.11 -1.03
CA PHE A 183 -0.11 -15.17 0.29
C PHE A 183 0.37 -13.79 0.73
N PRO A 184 1.02 -13.02 -0.18
CA PRO A 184 1.40 -11.69 0.28
C PRO A 184 0.19 -10.87 0.72
N ASN A 185 -0.88 -10.87 -0.06
CA ASN A 185 -2.08 -10.13 0.33
C ASN A 185 -2.88 -10.61 1.54
N LEU A 186 -3.08 -11.91 1.69
CA LEU A 186 -3.78 -12.40 2.90
C LEU A 186 -2.97 -12.06 4.13
N TYR A 187 -1.65 -12.26 4.07
CA TYR A 187 -0.86 -12.02 5.24
C TYR A 187 -0.68 -10.50 5.53
N THR A 188 -0.71 -9.68 4.48
CA THR A 188 -0.70 -8.24 4.69
C THR A 188 -2.02 -7.80 5.35
N LEU A 189 -3.16 -8.34 4.88
CA LEU A 189 -4.45 -8.03 5.54
C LEU A 189 -4.35 -8.36 7.04
N ALA A 190 -3.69 -9.47 7.37
CA ALA A 190 -3.66 -9.98 8.74
C ALA A 190 -2.69 -9.24 9.64
N THR A 191 -1.70 -8.54 9.05
CA THR A 191 -0.64 -7.88 9.84
C THR A 191 -0.49 -6.38 9.72
N GLY A 192 -1.15 -5.75 8.77
CA GLY A 192 -0.89 -4.34 8.46
C GLY A 192 0.52 -4.05 7.95
N LEU A 193 1.29 -5.09 7.58
CA LEU A 193 2.67 -4.91 7.09
C LEU A 193 2.87 -5.12 5.59
N TYR A 194 3.73 -4.32 4.98
CA TYR A 194 4.23 -4.62 3.64
C TYR A 194 4.91 -6.05 3.57
N PRO A 195 4.74 -6.77 2.46
CA PRO A 195 5.40 -8.06 2.32
C PRO A 195 6.89 -8.04 2.69
N GLU A 196 7.63 -7.01 2.26
CA GLU A 196 9.04 -6.86 2.63
C GLU A 196 9.29 -6.96 4.11
N SER A 197 8.31 -6.52 4.93
CA SER A 197 8.47 -6.57 6.38
C SER A 197 7.89 -7.85 6.97
N HIS A 198 6.77 -8.36 6.45
CA HIS A 198 6.20 -9.59 7.00
C HIS A 198 6.93 -10.89 6.56
N GLY A 199 7.63 -10.78 5.44
CA GLY A 199 8.42 -11.90 4.87
C GLY A 199 7.80 -12.70 3.78
N ILE A 200 6.50 -12.57 3.57
CA ILE A 200 5.89 -13.39 2.55
C ILE A 200 5.88 -12.56 1.25
N VAL A 201 7.01 -12.58 0.55
CA VAL A 201 7.26 -11.65 -0.58
C VAL A 201 6.77 -12.13 -1.95
N GLY A 202 6.16 -13.32 -1.96
CA GLY A 202 5.62 -13.94 -3.18
C GLY A 202 4.92 -15.25 -2.81
N ASN A 203 4.23 -15.87 -3.78
CA ASN A 203 3.68 -17.24 -3.59
C ASN A 203 4.80 -18.29 -3.62
N SER A 204 5.97 -17.91 -4.16
CA SER A 204 7.20 -18.72 -4.09
CA SER A 204 7.19 -18.74 -4.04
C SER A 204 8.42 -17.91 -3.68
N MET A 205 9.25 -18.42 -2.76
CA MET A 205 10.44 -17.71 -2.33
C MET A 205 11.65 -18.61 -2.03
N TYR A 206 12.85 -18.05 -2.21
CA TYR A 206 14.09 -18.65 -1.72
C TYR A 206 14.68 -17.75 -0.62
N ASP A 207 15.06 -18.32 0.52
CA ASP A 207 15.73 -17.57 1.56
C ASP A 207 17.20 -18.03 1.79
N PRO A 208 18.15 -17.26 1.26
CA PRO A 208 19.58 -17.60 1.32
C PRO A 208 20.19 -17.84 2.72
N VAL A 209 19.65 -17.25 3.78
CA VAL A 209 20.18 -17.45 5.13
C VAL A 209 19.74 -18.80 5.71
N PHE A 210 18.52 -19.20 5.34
CA PHE A 210 17.95 -20.51 5.69
C PHE A 210 18.51 -21.54 4.74
N ASP A 211 18.87 -21.09 3.53
CA ASP A 211 18.98 -21.99 2.39
C ASP A 211 17.71 -22.85 2.29
N ALA A 212 16.58 -22.24 1.88
CA ALA A 212 15.29 -22.97 1.73
C ALA A 212 14.34 -22.35 0.72
N SER A 213 13.40 -23.16 0.21
CA SER A 213 12.44 -22.72 -0.80
CA SER A 213 12.44 -22.70 -0.80
C SER A 213 11.00 -22.97 -0.36
N PHE A 214 10.11 -22.01 -0.64
CA PHE A 214 8.70 -21.95 -0.17
C PHE A 214 7.79 -21.99 -1.38
N HIS A 215 6.77 -22.83 -1.37
CA HIS A 215 5.86 -22.92 -2.52
C HIS A 215 4.40 -23.09 -2.07
N LEU A 216 3.47 -22.95 -3.01
CA LEU A 216 2.04 -23.14 -2.78
C LEU A 216 1.71 -24.60 -2.41
N ARG A 217 2.22 -25.52 -3.24
CA ARG A 217 2.26 -26.94 -2.91
C ARG A 217 3.43 -27.17 -1.96
N GLY A 218 3.22 -28.04 -0.98
CA GLY A 218 4.32 -28.53 -0.17
C GLY A 218 4.17 -28.22 1.28
N ARG A 219 5.04 -28.82 2.06
CA ARG A 219 5.00 -28.74 3.49
C ARG A 219 5.85 -27.55 3.99
N GLU A 220 6.64 -26.94 3.09
CA GLU A 220 7.66 -25.97 3.49
C GLU A 220 7.05 -24.71 4.12
N LYS A 221 5.93 -24.28 3.53
CA LYS A 221 5.12 -23.15 3.95
C LYS A 221 4.53 -23.30 5.37
N PHE A 222 4.54 -24.53 5.92
CA PHE A 222 4.08 -24.77 7.29
C PHE A 222 5.15 -24.49 8.34
N ASN A 223 6.40 -24.31 7.92
CA ASN A 223 7.45 -23.96 8.90
C ASN A 223 7.24 -22.54 9.44
N HIS A 224 7.49 -22.33 10.72
CA HIS A 224 7.23 -21.07 11.40
C HIS A 224 8.04 -19.90 10.85
N ARG A 225 9.26 -20.22 10.45
CA ARG A 225 10.29 -19.23 10.12
C ARG A 225 9.94 -18.27 8.98
N TRP A 226 9.04 -18.67 8.08
CA TRP A 226 8.65 -17.77 7.01
C TRP A 226 7.79 -16.59 7.51
N TRP A 227 7.00 -16.81 8.56
CA TRP A 227 5.86 -15.95 8.87
C TRP A 227 6.24 -14.87 9.87
N GLY A 228 6.59 -13.69 9.39
CA GLY A 228 6.95 -12.60 10.32
C GLY A 228 5.72 -11.80 10.77
N GLY A 229 6.00 -10.68 11.43
CA GLY A 229 4.97 -9.83 11.95
C GLY A 229 4.13 -10.46 13.03
N GLN A 230 2.98 -9.84 13.30
CA GLN A 230 2.06 -10.38 14.25
C GLN A 230 0.65 -10.29 13.68
N PRO A 231 0.18 -11.41 13.09
CA PRO A 231 -1.12 -11.45 12.46
C PRO A 231 -2.23 -11.32 13.52
N LEU A 232 -3.42 -10.95 13.04
CA LEU A 232 -4.51 -10.53 13.88
C LEU A 232 -4.85 -11.58 14.94
N TRP A 233 -4.95 -12.87 14.56
CA TRP A 233 -5.27 -13.93 15.54
C TRP A 233 -4.33 -14.00 16.76
N ILE A 234 -3.05 -13.66 16.57
CA ILE A 234 -2.04 -13.70 17.65
C ILE A 234 -2.20 -12.42 18.50
N THR A 235 -2.43 -11.31 17.82
CA THR A 235 -2.66 -10.04 18.51
C THR A 235 -3.83 -10.23 19.48
N ALA A 236 -4.89 -10.83 18.95
CA ALA A 236 -6.06 -11.18 19.69
C ALA A 236 -5.72 -12.06 20.88
N THR A 237 -5.11 -13.21 20.59
CA THR A 237 -4.80 -14.18 21.64
C THR A 237 -4.01 -13.61 22.81
N LYS A 238 -2.88 -12.96 22.51
CA LYS A 238 -2.00 -12.36 23.51
C LYS A 238 -2.69 -11.34 24.38
N GLN A 239 -3.83 -10.82 23.93
CA GLN A 239 -4.54 -9.76 24.65
C GLN A 239 -5.88 -10.22 25.15
N GLY A 240 -6.09 -11.52 25.16
CA GLY A 240 -7.22 -12.10 25.87
C GLY A 240 -8.50 -12.26 25.05
N VAL A 241 -8.43 -12.04 23.75
CA VAL A 241 -9.55 -12.21 22.88
C VAL A 241 -9.36 -13.53 22.11
N ARG A 242 -10.35 -14.41 22.18
CA ARG A 242 -10.21 -15.75 21.53
C ARG A 242 -10.56 -15.68 20.04
N ALA A 243 -9.84 -16.47 19.25
CA ALA A 243 -9.99 -16.50 17.81
C ALA A 243 -10.39 -17.90 17.26
N GLY A 244 -11.32 -17.96 16.30
CA GLY A 244 -11.64 -19.18 15.49
C GLY A 244 -10.41 -19.45 14.64
N THR A 245 -10.41 -20.45 13.77
CA THR A 245 -9.12 -20.63 13.09
C THR A 245 -9.04 -19.83 11.81
N PHE A 246 -7.83 -19.47 11.44
CA PHE A 246 -7.64 -18.74 10.21
C PHE A 246 -6.93 -19.71 9.22
N PHE A 247 -7.39 -20.96 9.23
CA PHE A 247 -6.93 -21.93 8.23
C PHE A 247 -8.00 -22.99 7.98
N TRP A 248 -8.49 -23.08 6.73
CA TRP A 248 -9.49 -24.09 6.37
C TRP A 248 -8.91 -25.08 5.34
N SER A 249 -8.95 -26.38 5.62
CA SER A 249 -8.44 -27.41 4.69
C SER A 249 -9.25 -27.38 3.43
N VAL A 250 -8.58 -27.59 2.30
CA VAL A 250 -9.21 -27.36 0.98
C VAL A 250 -10.42 -28.29 0.74
N SER A 251 -10.45 -29.42 1.42
CA SER A 251 -11.52 -30.39 1.23
C SER A 251 -12.74 -30.18 2.15
N ILE A 252 -12.69 -29.22 3.07
CA ILE A 252 -13.88 -28.88 3.89
C ILE A 252 -14.79 -27.95 3.06
N PRO A 253 -16.02 -28.38 2.75
CA PRO A 253 -16.71 -27.52 1.82
C PRO A 253 -17.26 -26.27 2.53
N HIS A 254 -17.59 -25.25 1.73
CA HIS A 254 -17.95 -23.95 2.26
C HIS A 254 -19.08 -24.02 3.26
N GLU A 255 -20.05 -24.89 2.99
CA GLU A 255 -21.23 -25.00 3.84
C GLU A 255 -20.85 -25.42 5.26
N ARG A 256 -19.87 -26.30 5.34
CA ARG A 256 -19.37 -26.81 6.59
C ARG A 256 -18.53 -25.75 7.32
N ARG A 257 -17.78 -24.95 6.57
CA ARG A 257 -17.03 -23.85 7.18
C ARG A 257 -18.01 -22.92 7.89
N ILE A 258 -19.08 -22.54 7.19
CA ILE A 258 -20.12 -21.67 7.76
C ILE A 258 -20.75 -22.31 9.01
N LEU A 259 -21.18 -23.58 8.93
CA LEU A 259 -21.77 -24.26 10.09
C LEU A 259 -20.80 -24.34 11.27
N THR A 260 -19.51 -24.50 11.00
CA THR A 260 -18.52 -24.57 12.06
C THR A 260 -18.38 -23.21 12.78
N ILE A 261 -18.33 -22.11 12.01
CA ILE A 261 -18.37 -20.76 12.56
C ILE A 261 -19.64 -20.55 13.35
N LEU A 262 -20.80 -20.91 12.80
CA LEU A 262 -22.07 -20.75 13.51
C LEU A 262 -22.07 -21.57 14.82
N GLN A 263 -21.52 -22.78 14.77
CA GLN A 263 -21.43 -23.59 15.98
C GLN A 263 -20.56 -22.91 17.02
N TRP A 264 -19.45 -22.33 16.58
CA TRP A 264 -18.52 -21.76 17.52
C TRP A 264 -19.14 -20.60 18.23
N LEU A 265 -20.03 -19.90 17.54
CA LEU A 265 -20.73 -18.77 18.08
C LEU A 265 -21.83 -19.18 19.08
N SER A 266 -22.12 -20.48 19.18
CA SER A 266 -23.05 -20.99 20.19
C SER A 266 -22.31 -21.52 21.38
N LEU A 267 -20.99 -21.45 21.38
CA LEU A 267 -20.25 -21.93 22.52
C LEU A 267 -20.60 -21.04 23.75
N PRO A 268 -20.44 -21.57 24.97
CA PRO A 268 -20.50 -20.74 26.18
C PRO A 268 -19.49 -19.59 26.19
N ASP A 269 -19.90 -18.49 26.82
CA ASP A 269 -19.11 -17.26 26.99
C ASP A 269 -17.61 -17.42 27.22
N ASN A 270 -17.25 -18.28 28.16
CA ASN A 270 -15.85 -18.49 28.48
C ASN A 270 -15.07 -19.16 27.32
N GLU A 271 -15.79 -19.78 26.37
CA GLU A 271 -15.13 -20.58 25.32
C GLU A 271 -15.23 -19.97 23.92
N ARG A 272 -16.14 -19.02 23.76
CA ARG A 272 -16.56 -18.55 22.46
C ARG A 272 -15.55 -17.57 21.88
N PRO A 273 -15.10 -17.79 20.63
CA PRO A 273 -14.19 -16.77 20.13
C PRO A 273 -14.90 -15.48 19.76
N SER A 274 -14.12 -14.41 19.70
CA SER A 274 -14.58 -13.11 19.23
C SER A 274 -14.28 -12.73 17.77
N VAL A 275 -13.30 -13.38 17.15
CA VAL A 275 -12.91 -13.05 15.79
C VAL A 275 -12.86 -14.36 15.01
N TYR A 276 -13.33 -14.32 13.77
CA TYR A 276 -13.44 -15.51 12.93
C TYR A 276 -13.03 -15.14 11.51
N ALA A 277 -12.62 -16.15 10.73
CA ALA A 277 -12.30 -15.95 9.32
C ALA A 277 -13.03 -17.01 8.49
N PHE A 278 -13.60 -16.58 7.38
CA PHE A 278 -14.02 -17.54 6.37
C PHE A 278 -13.21 -17.23 5.13
N TYR A 279 -12.84 -18.26 4.37
CA TYR A 279 -12.08 -18.09 3.12
C TYR A 279 -12.74 -18.86 1.98
N SER A 280 -12.86 -18.21 0.82
CA SER A 280 -13.24 -18.86 -0.44
C SER A 280 -12.12 -18.76 -1.50
N GLU A 281 -11.75 -19.92 -2.09
CA GLU A 281 -10.77 -19.98 -3.17
C GLU A 281 -11.37 -19.45 -4.47
N GLN A 282 -12.68 -19.22 -4.45
CA GLN A 282 -13.42 -18.61 -5.56
C GLN A 282 -13.61 -17.09 -5.27
N PRO A 283 -13.69 -16.25 -6.32
CA PRO A 283 -13.73 -16.68 -7.71
C PRO A 283 -12.35 -16.84 -8.40
N ASP A 284 -11.26 -16.77 -7.66
CA ASP A 284 -9.94 -16.85 -8.25
C ASP A 284 -9.73 -18.13 -9.08
N PHE A 285 -10.22 -19.25 -8.56
CA PHE A 285 -9.91 -20.57 -9.09
C PHE A 285 -10.51 -20.62 -10.51
N SER A 286 -11.77 -20.25 -10.63
CA SER A 286 -12.42 -20.12 -11.91
C SER A 286 -11.76 -19.07 -12.83
N GLY A 287 -11.43 -17.90 -12.28
CA GLY A 287 -10.82 -16.77 -13.05
C GLY A 287 -9.55 -17.16 -13.78
N HIS A 288 -8.74 -17.99 -13.17
CA HIS A 288 -7.56 -18.47 -13.84
C HIS A 288 -7.99 -19.23 -15.11
N LYS A 289 -9.06 -20.00 -15.02
CA LYS A 289 -9.43 -20.89 -16.13
C LYS A 289 -10.11 -20.13 -17.24
N TYR A 290 -11.03 -19.24 -16.89
CA TYR A 290 -11.90 -18.60 -17.84
C TYR A 290 -11.69 -17.13 -18.06
N GLY A 291 -10.72 -16.52 -17.36
CA GLY A 291 -10.62 -15.05 -17.45
C GLY A 291 -11.60 -14.36 -16.50
N PRO A 292 -11.34 -13.08 -16.19
CA PRO A 292 -12.10 -12.33 -15.19
C PRO A 292 -13.56 -12.22 -15.50
N PHE A 293 -13.91 -12.10 -16.78
CA PHE A 293 -15.29 -11.91 -17.17
C PHE A 293 -15.80 -13.04 -18.07
N GLY A 294 -15.11 -14.17 -18.03
CA GLY A 294 -15.53 -15.35 -18.79
C GLY A 294 -16.98 -15.67 -18.48
N PRO A 295 -17.78 -16.10 -19.49
CA PRO A 295 -19.17 -16.51 -19.20
C PRO A 295 -19.27 -17.54 -18.04
N GLU A 296 -18.25 -18.36 -17.88
CA GLU A 296 -18.25 -19.33 -16.77
C GLU A 296 -18.14 -18.68 -15.38
N MET A 297 -17.98 -17.34 -15.34
CA MET A 297 -17.73 -16.66 -14.06
C MET A 297 -19.01 -16.35 -13.27
N THR A 298 -20.16 -16.30 -13.94
CA THR A 298 -21.44 -16.01 -13.26
C THR A 298 -21.75 -16.97 -12.08
N ASN A 299 -21.61 -18.26 -12.34
CA ASN A 299 -21.87 -19.30 -11.35
C ASN A 299 -21.10 -19.18 -10.03
N PRO A 300 -19.74 -19.12 -10.09
CA PRO A 300 -18.95 -18.91 -8.87
C PRO A 300 -19.39 -17.68 -8.11
N LEU A 301 -19.84 -16.60 -8.78
CA LEU A 301 -20.31 -15.38 -8.08
C LEU A 301 -21.66 -15.59 -7.39
N ARG A 302 -22.60 -16.28 -8.08
CA ARG A 302 -23.82 -16.83 -7.48
C ARG A 302 -23.55 -17.69 -6.25
N GLU A 303 -22.58 -18.58 -6.36
CA GLU A 303 -22.29 -19.51 -5.29
C GLU A 303 -21.63 -18.83 -4.06
N ILE A 304 -20.69 -17.92 -4.26
CA ILE A 304 -20.26 -17.04 -3.15
C ILE A 304 -21.42 -16.24 -2.53
N ASP A 305 -22.27 -15.66 -3.35
CA ASP A 305 -23.36 -14.94 -2.76
C ASP A 305 -24.27 -15.83 -1.91
N LYS A 306 -24.48 -17.07 -2.35
CA LYS A 306 -25.33 -17.98 -1.63
C LYS A 306 -24.71 -18.31 -0.27
N THR A 307 -23.39 -18.55 -0.22
CA THR A 307 -22.67 -18.70 1.04
C THR A 307 -22.85 -17.53 2.03
N VAL A 308 -22.78 -16.29 1.52
CA VAL A 308 -22.92 -15.10 2.33
C VAL A 308 -24.35 -15.15 2.92
N GLY A 309 -25.32 -15.44 2.06
CA GLY A 309 -26.73 -15.68 2.46
C GLY A 309 -26.87 -16.70 3.58
N GLN A 310 -26.17 -17.82 3.48
CA GLN A 310 -26.19 -18.82 4.55
C GLN A 310 -25.64 -18.32 5.90
N LEU A 311 -24.53 -17.57 5.86
CA LEU A 311 -23.95 -16.97 7.06
C LEU A 311 -24.91 -15.99 7.70
N MET A 312 -25.49 -15.12 6.89
CA MET A 312 -26.43 -14.11 7.39
C MET A 312 -27.77 -14.68 7.86
N ASP A 313 -28.29 -15.69 7.19
CA ASP A 313 -29.51 -16.36 7.70
C ASP A 313 -29.13 -17.07 8.99
N GLY A 314 -27.92 -17.64 9.04
CA GLY A 314 -27.47 -18.34 10.23
C GLY A 314 -27.33 -17.40 11.42
N LEU A 315 -26.75 -16.21 11.17
CA LEU A 315 -26.57 -15.23 12.23
C LEU A 315 -27.95 -14.75 12.69
N LYS A 316 -28.86 -14.49 11.76
CA LYS A 316 -30.20 -14.06 12.12
C LYS A 316 -30.89 -15.07 13.07
N GLN A 317 -30.75 -16.37 12.78
CA GLN A 317 -31.30 -17.44 13.63
C GLN A 317 -30.76 -17.36 15.04
N LEU A 318 -29.49 -17.02 15.16
CA LEU A 318 -28.87 -16.95 16.46
C LEU A 318 -29.07 -15.57 17.08
N ARG A 319 -29.92 -14.76 16.44
CA ARG A 319 -30.14 -13.35 16.81
C ARG A 319 -28.82 -12.56 16.93
N LEU A 320 -27.95 -12.74 15.94
CA LEU A 320 -26.63 -12.11 15.97
C LEU A 320 -26.43 -11.17 14.77
N HIS A 321 -27.47 -10.98 13.97
CA HIS A 321 -27.31 -10.27 12.69
C HIS A 321 -27.25 -8.75 12.83
N ARG A 322 -27.56 -8.26 14.04
CA ARG A 322 -27.47 -6.86 14.43
C ARG A 322 -26.49 -6.71 15.58
N CYS A 323 -25.58 -7.68 15.71
CA CYS A 323 -24.60 -7.76 16.77
C CYS A 323 -23.19 -7.89 16.17
N VAL A 324 -23.04 -8.76 15.17
CA VAL A 324 -21.73 -9.06 14.56
C VAL A 324 -21.31 -8.00 13.53
N ASN A 325 -20.02 -7.64 13.54
CA ASN A 325 -19.47 -6.86 12.44
C ASN A 325 -18.92 -7.85 11.40
N VAL A 326 -19.28 -7.64 10.16
CA VAL A 326 -18.87 -8.51 9.05
C VAL A 326 -17.98 -7.74 8.09
N ILE A 327 -16.84 -8.30 7.74
CA ILE A 327 -16.02 -7.69 6.71
C ILE A 327 -15.97 -8.64 5.50
N PHE A 328 -16.33 -8.09 4.34
CA PHE A 328 -16.26 -8.76 3.05
C PHE A 328 -15.08 -8.18 2.28
N VAL A 329 -14.04 -8.97 2.11
CA VAL A 329 -12.80 -8.41 1.64
C VAL A 329 -12.13 -9.39 0.66
N GLY A 330 -11.53 -8.84 -0.39
CA GLY A 330 -10.79 -9.60 -1.38
C GLY A 330 -9.29 -9.48 -1.20
N ASP A 331 -8.51 -10.41 -1.77
CA ASP A 331 -7.08 -10.23 -1.70
C ASP A 331 -6.44 -9.49 -2.92
N HIS A 332 -7.00 -9.65 -4.12
CA HIS A 332 -6.45 -9.00 -5.35
C HIS A 332 -7.53 -9.25 -6.41
N GLY A 333 -7.46 -8.59 -7.55
CA GLY A 333 -8.39 -8.89 -8.63
C GLY A 333 -7.83 -9.98 -9.56
N MET A 334 -8.07 -9.81 -10.87
CA MET A 334 -7.77 -10.82 -11.91
C MET A 334 -7.77 -10.10 -13.27
N GLU A 335 -6.82 -10.46 -14.12
CA GLU A 335 -6.60 -9.84 -15.40
C GLU A 335 -6.66 -10.91 -16.52
N ASP A 336 -6.87 -10.48 -17.76
CA ASP A 336 -6.88 -11.41 -18.91
C ASP A 336 -5.45 -11.63 -19.28
N VAL A 337 -5.05 -12.90 -19.31
CA VAL A 337 -3.65 -13.26 -19.53
C VAL A 337 -3.69 -14.62 -20.23
N THR A 338 -2.96 -14.78 -21.33
CA THR A 338 -2.91 -16.05 -22.10
C THR A 338 -1.46 -16.44 -22.44
N CYS A 339 -1.21 -17.72 -22.75
CA CYS A 339 0.13 -18.25 -23.06
C CYS A 339 0.82 -17.54 -24.23
N ASP A 340 0.08 -17.08 -25.21
CA ASP A 340 0.75 -16.38 -26.32
C ASP A 340 1.31 -15.03 -25.93
N ARG A 341 0.87 -14.49 -24.78
CA ARG A 341 1.42 -13.24 -24.26
C ARG A 341 2.45 -13.54 -23.22
N THR A 342 3.50 -14.23 -23.65
CA THR A 342 4.61 -14.59 -22.80
C THR A 342 5.85 -14.07 -23.50
N GLU A 343 6.69 -13.38 -22.76
CA GLU A 343 7.99 -12.95 -23.22
C GLU A 343 8.96 -13.94 -22.64
N PHE A 344 10.00 -14.30 -23.41
CA PHE A 344 10.97 -15.33 -23.02
C PHE A 344 12.38 -14.78 -22.80
N LEU A 345 12.97 -15.02 -21.63
CA LEU A 345 14.30 -14.50 -21.40
C LEU A 345 15.31 -15.11 -22.41
N SER A 346 14.88 -16.16 -23.12
CA SER A 346 15.74 -16.81 -24.07
C SER A 346 15.88 -15.98 -25.34
N ASN A 347 14.90 -15.12 -25.65
CA ASN A 347 15.04 -14.12 -26.73
C ASN A 347 15.88 -12.87 -26.41
N TYR A 348 16.54 -12.86 -25.25
CA TYR A 348 17.27 -11.70 -24.77
C TYR A 348 18.61 -12.13 -24.26
N LEU A 349 18.64 -13.23 -23.54
CA LEU A 349 19.86 -13.62 -22.87
C LEU A 349 20.52 -14.80 -23.59
N THR A 350 21.84 -14.80 -23.67
CA THR A 350 22.54 -15.94 -24.23
C THR A 350 22.97 -16.89 -23.10
N ASN A 351 23.30 -16.32 -21.95
CA ASN A 351 23.58 -17.06 -20.71
C ASN A 351 22.34 -17.59 -19.93
N VAL A 352 21.21 -17.81 -20.62
CA VAL A 352 19.94 -18.20 -19.99
C VAL A 352 20.03 -19.29 -18.91
N ASP A 353 20.96 -20.21 -19.08
CA ASP A 353 21.09 -21.37 -18.18
C ASP A 353 21.80 -21.11 -16.85
N ASP A 354 22.44 -19.95 -16.73
CA ASP A 354 23.18 -19.65 -15.51
C ASP A 354 22.29 -18.88 -14.51
N ILE A 355 21.01 -18.69 -14.85
CA ILE A 355 20.01 -17.99 -13.99
C ILE A 355 18.78 -18.78 -13.57
N THR A 356 18.17 -18.36 -12.44
CA THR A 356 16.88 -18.83 -11.96
C THR A 356 15.87 -17.70 -12.11
N LEU A 357 14.72 -18.02 -12.72
CA LEU A 357 13.65 -17.08 -12.79
C LEU A 357 12.42 -17.55 -12.01
N VAL A 358 12.01 -16.75 -11.02
CA VAL A 358 10.64 -16.82 -10.53
C VAL A 358 9.79 -16.19 -11.61
N PRO A 359 8.97 -16.98 -12.32
CA PRO A 359 8.30 -16.50 -13.50
C PRO A 359 6.88 -16.00 -13.26
N GLY A 360 6.25 -15.47 -14.31
CA GLY A 360 4.81 -15.25 -14.36
C GLY A 360 4.48 -13.79 -14.57
N THR A 361 3.66 -13.25 -13.66
CA THR A 361 3.15 -11.87 -13.77
C THR A 361 4.14 -10.88 -13.13
N LEU A 362 5.24 -11.41 -12.59
CA LEU A 362 6.40 -10.63 -12.14
C LEU A 362 7.61 -11.50 -12.43
N GLY A 363 8.79 -10.90 -12.47
CA GLY A 363 9.99 -11.69 -12.57
C GLY A 363 10.95 -11.40 -11.47
N ARG A 364 11.55 -12.46 -10.93
CA ARG A 364 12.65 -12.31 -10.01
C ARG A 364 13.82 -13.22 -10.45
N ILE A 365 15.00 -12.61 -10.59
CA ILE A 365 16.17 -13.29 -11.14
C ILE A 365 17.30 -13.34 -10.14
N ARG A 366 17.86 -14.54 -9.98
CA ARG A 366 19.12 -14.74 -9.29
C ARG A 366 20.04 -15.76 -10.04
N ALA A 367 21.30 -15.82 -9.61
CA ALA A 367 22.29 -16.74 -10.19
C ALA A 367 21.90 -18.16 -9.82
N LYS A 368 21.83 -19.03 -10.82
CA LYS A 368 21.67 -20.47 -10.57
C LYS A 368 22.74 -21.07 -9.61
N SER A 369 23.96 -20.55 -9.62
CA SER A 369 25.01 -21.02 -8.71
C SER A 369 25.86 -19.86 -8.16
N ILE A 370 25.98 -19.76 -6.83
CA ILE A 370 26.80 -18.67 -6.24
C ILE A 370 28.30 -19.00 -6.16
N ASN A 371 28.67 -20.21 -6.61
CA ASN A 371 30.07 -20.53 -6.92
C ASN A 371 30.45 -20.07 -8.33
N ASN A 372 29.54 -19.33 -8.97
CA ASN A 372 29.79 -18.68 -10.25
C ASN A 372 30.10 -17.17 -10.08
N SER A 373 31.37 -16.83 -10.19
CA SER A 373 31.86 -15.45 -10.05
C SER A 373 31.90 -14.72 -11.40
N LYS A 374 31.48 -15.42 -12.45
CA LYS A 374 31.31 -14.85 -13.79
C LYS A 374 29.88 -14.36 -14.03
N TYR A 375 28.98 -14.61 -13.08
CA TYR A 375 27.61 -14.12 -13.15
C TYR A 375 27.59 -12.62 -12.86
N ASP A 376 27.08 -11.84 -13.81
CA ASP A 376 27.09 -10.38 -13.71
C ASP A 376 25.69 -9.77 -13.87
N PRO A 377 25.07 -9.35 -12.74
CA PRO A 377 23.71 -8.78 -12.76
C PRO A 377 23.62 -7.54 -13.63
N LYS A 378 24.73 -6.78 -13.63
CA LYS A 378 24.91 -5.58 -14.42
C LYS A 378 24.63 -5.84 -15.89
N THR A 379 25.32 -6.83 -16.44
CA THR A 379 25.16 -7.17 -17.86
C THR A 379 23.84 -7.88 -18.16
N ILE A 380 23.32 -8.61 -17.17
CA ILE A 380 21.98 -9.19 -17.33
C ILE A 380 20.96 -8.07 -17.53
N ILE A 381 20.98 -7.05 -16.66
CA ILE A 381 20.01 -5.94 -16.77
C ILE A 381 20.15 -5.25 -18.12
N ALA A 382 21.40 -5.02 -18.52
CA ALA A 382 21.65 -4.32 -19.76
C ALA A 382 21.05 -5.12 -20.93
N ALA A 383 21.22 -6.44 -20.94
CA ALA A 383 20.65 -7.22 -22.04
C ALA A 383 19.11 -7.25 -22.02
N LEU A 384 18.49 -6.85 -20.90
CA LEU A 384 17.01 -6.84 -20.81
C LEU A 384 16.39 -5.47 -21.00
N THR A 385 17.20 -4.44 -21.20
CA THR A 385 16.72 -3.05 -21.22
C THR A 385 16.48 -2.52 -22.61
N CYS A 386 15.21 -2.19 -22.84
CA CYS A 386 14.73 -1.51 -24.03
C CYS A 386 15.10 -2.21 -25.34
N LYS A 387 15.08 -3.54 -25.32
CA LYS A 387 15.60 -4.34 -26.42
C LYS A 387 14.69 -4.58 -27.62
N LYS A 388 13.37 -4.59 -27.40
CA LYS A 388 12.37 -4.75 -28.48
C LYS A 388 11.39 -3.57 -28.46
N PRO A 389 10.88 -3.13 -29.64
CA PRO A 389 9.94 -1.99 -29.73
C PRO A 389 8.78 -2.00 -28.72
N ASP A 390 8.07 -3.11 -28.57
CA ASP A 390 6.92 -3.12 -27.67
C ASP A 390 7.11 -4.00 -26.45
N GLN A 391 8.36 -4.13 -26.01
CA GLN A 391 8.80 -5.03 -24.94
C GLN A 391 7.85 -5.03 -23.75
N HIS A 392 7.34 -6.18 -23.33
CA HIS A 392 6.24 -6.15 -22.32
C HIS A 392 6.63 -6.36 -20.85
N PHE A 393 7.88 -6.06 -20.50
CA PHE A 393 8.35 -6.14 -19.11
C PHE A 393 9.52 -5.16 -19.02
N LYS A 394 9.88 -4.75 -17.80
CA LYS A 394 10.98 -3.80 -17.60
C LYS A 394 11.78 -4.28 -16.43
N PRO A 395 13.10 -4.45 -16.64
CA PRO A 395 14.02 -4.84 -15.57
C PRO A 395 14.33 -3.72 -14.63
N TYR A 396 14.59 -4.09 -13.38
CA TYR A 396 15.02 -3.12 -12.39
C TYR A 396 15.96 -3.80 -11.38
N MET A 397 16.95 -3.08 -10.87
CA MET A 397 17.51 -3.46 -9.58
C MET A 397 16.43 -3.10 -8.53
N LYS A 398 16.18 -3.97 -7.56
CA LYS A 398 15.03 -3.78 -6.66
C LYS A 398 14.97 -2.39 -5.95
N GLN A 399 16.14 -1.83 -5.64
CA GLN A 399 16.21 -0.51 -5.01
CA GLN A 399 16.26 -0.50 -5.02
C GLN A 399 15.77 0.61 -5.96
N HIS A 400 15.66 0.30 -7.26
CA HIS A 400 15.19 1.30 -8.25
C HIS A 400 13.71 1.18 -8.60
N LEU A 401 13.06 0.15 -8.09
CA LEU A 401 11.59 0.02 -8.26
C LEU A 401 10.88 1.27 -7.65
N PRO A 402 9.70 1.66 -8.17
CA PRO A 402 8.94 2.76 -7.54
C PRO A 402 8.83 2.56 -6.05
N LYS A 403 9.09 3.61 -5.31
CA LYS A 403 9.13 3.51 -3.86
C LYS A 403 7.75 3.15 -3.29
N ARG A 404 6.67 3.46 -4.03
CA ARG A 404 5.30 3.15 -3.59
C ARG A 404 5.03 1.65 -3.46
N LEU A 405 5.81 0.82 -4.16
CA LEU A 405 5.67 -0.64 -4.07
C LEU A 405 6.29 -1.20 -2.79
N HIS A 406 7.18 -0.44 -2.16
CA HIS A 406 7.81 -0.87 -0.94
C HIS A 406 8.36 -2.33 -1.05
N TYR A 407 9.03 -2.63 -2.15
CA TYR A 407 9.38 -4.00 -2.44
C TYR A 407 10.87 -4.13 -2.64
N ALA A 408 11.62 -3.99 -1.58
CA ALA A 408 13.07 -4.14 -1.69
C ALA A 408 13.74 -4.65 -0.41
N ASN A 409 13.23 -4.27 0.76
CA ASN A 409 13.95 -4.52 2.04
C ASN A 409 13.73 -5.96 2.59
N ASN A 410 14.11 -6.97 1.80
CA ASN A 410 14.04 -8.36 2.27
C ASN A 410 14.99 -9.22 1.49
N ARG A 411 15.79 -10.03 2.20
CA ARG A 411 16.78 -10.92 1.56
C ARG A 411 16.10 -11.92 0.67
N ARG A 412 14.79 -12.07 0.82
CA ARG A 412 14.03 -12.98 -0.07
C ARG A 412 13.63 -12.32 -1.39
N ILE A 413 13.92 -11.05 -1.55
CA ILE A 413 13.52 -10.38 -2.80
C ILE A 413 14.81 -10.26 -3.57
N GLU A 414 14.83 -10.83 -4.77
CA GLU A 414 16.04 -10.86 -5.58
C GLU A 414 16.38 -9.45 -6.08
N ASP A 415 17.68 -9.19 -6.18
CA ASP A 415 18.20 -7.88 -6.62
C ASP A 415 17.66 -7.50 -7.97
N ILE A 416 17.56 -8.46 -8.87
CA ILE A 416 16.99 -8.17 -10.18
C ILE A 416 15.52 -8.51 -10.15
N HIS A 417 14.69 -7.57 -10.66
CA HIS A 417 13.26 -7.72 -10.71
C HIS A 417 12.75 -7.33 -12.07
N LEU A 418 11.66 -7.98 -12.51
CA LEU A 418 11.01 -7.56 -13.75
C LEU A 418 9.61 -7.17 -13.46
N LEU A 419 9.26 -5.93 -13.79
CA LEU A 419 7.86 -5.51 -13.66
C LEU A 419 7.24 -5.82 -14.98
N VAL A 420 6.24 -6.70 -14.97
CA VAL A 420 5.64 -7.19 -16.19
C VAL A 420 4.39 -6.38 -16.48
N ASP A 421 4.23 -5.94 -17.73
CA ASP A 421 3.02 -5.29 -18.27
C ASP A 421 1.73 -6.10 -17.97
N ARG A 422 0.64 -5.41 -17.60
CA ARG A 422 -0.63 -6.10 -17.40
C ARG A 422 -0.96 -6.90 -18.68
N ARG A 423 -1.46 -8.13 -18.49
CA ARG A 423 -1.91 -9.01 -19.60
C ARG A 423 -0.80 -9.91 -20.11
N TRP A 424 0.42 -9.75 -19.57
CA TRP A 424 1.56 -10.59 -19.98
C TRP A 424 2.15 -11.46 -18.90
N HIS A 425 2.97 -12.41 -19.36
CA HIS A 425 3.85 -13.21 -18.55
C HIS A 425 5.27 -13.09 -19.01
N VAL A 426 6.19 -13.32 -18.10
CA VAL A 426 7.57 -13.56 -18.45
C VAL A 426 7.92 -15.02 -18.08
N ALA A 427 8.60 -15.70 -19.01
CA ALA A 427 9.13 -17.03 -18.73
C ALA A 427 10.62 -17.11 -19.08
N ARG A 428 11.33 -18.11 -18.56
CA ARG A 428 12.75 -18.23 -18.93
C ARG A 428 12.94 -18.66 -20.42
N LYS A 429 12.17 -19.64 -20.87
CA LYS A 429 12.28 -20.15 -22.24
C LYS A 429 11.02 -20.91 -22.56
N PRO A 430 10.75 -21.13 -23.86
CA PRO A 430 9.52 -21.74 -24.34
C PRO A 430 9.20 -23.12 -23.78
N LEU A 431 10.21 -23.95 -23.50
CA LEU A 431 9.94 -25.29 -22.93
C LEU A 431 9.18 -25.16 -21.59
N ASP A 432 9.56 -24.17 -20.77
CA ASP A 432 8.92 -23.87 -19.47
C ASP A 432 7.40 -23.61 -19.54
N VAL A 433 6.90 -23.09 -20.66
CA VAL A 433 5.46 -22.84 -20.86
C VAL A 433 4.73 -24.05 -21.47
N TYR A 434 5.45 -24.98 -22.11
CA TYR A 434 4.80 -26.10 -22.85
C TYR A 434 5.03 -27.50 -22.28
N LYS A 435 6.09 -27.65 -21.49
CA LYS A 435 6.39 -28.92 -20.82
C LYS A 435 6.14 -28.86 -19.31
N CYS A 441 -3.24 -23.87 -24.51
CA CYS A 441 -3.08 -22.94 -23.40
C CYS A 441 -3.99 -23.26 -22.19
N PHE A 442 -3.36 -23.52 -21.05
CA PHE A 442 -4.09 -23.93 -19.82
C PHE A 442 -5.07 -22.86 -19.28
N PHE A 443 -4.68 -21.60 -19.35
CA PHE A 443 -5.25 -20.54 -18.49
C PHE A 443 -5.62 -19.27 -19.24
N GLN A 444 -6.62 -18.56 -18.74
CA GLN A 444 -7.09 -17.33 -19.36
C GLN A 444 -7.07 -16.10 -18.43
N GLY A 445 -6.73 -16.31 -17.16
CA GLY A 445 -6.66 -15.22 -16.18
C GLY A 445 -5.45 -15.38 -15.30
N ASP A 446 -4.92 -14.26 -14.81
CA ASP A 446 -3.84 -14.29 -13.80
C ASP A 446 -3.79 -12.94 -13.07
N HIS A 447 -2.93 -12.83 -12.06
CA HIS A 447 -2.86 -11.61 -11.24
C HIS A 447 -1.47 -11.63 -10.67
N GLY A 448 -1.02 -10.51 -10.08
CA GLY A 448 0.38 -10.42 -9.58
C GLY A 448 1.08 -9.12 -9.99
N PHE A 449 0.50 -8.42 -10.95
CA PHE A 449 1.01 -7.14 -11.48
C PHE A 449 1.08 -5.99 -10.44
N ASP A 450 1.79 -4.93 -10.81
CA ASP A 450 1.80 -3.66 -10.14
C ASP A 450 0.43 -3.37 -9.45
N ASN A 451 0.47 -2.95 -8.18
CA ASN A 451 -0.82 -2.84 -7.42
C ASN A 451 -1.60 -1.58 -7.71
N LYS A 452 -1.11 -0.75 -8.62
CA LYS A 452 -1.87 0.39 -9.14
CA LYS A 452 -1.95 0.36 -9.06
C LYS A 452 -2.82 0.01 -10.28
N VAL A 453 -2.59 -1.15 -10.88
CA VAL A 453 -3.38 -1.61 -12.07
C VAL A 453 -4.82 -1.87 -11.72
N ASN A 454 -5.75 -1.29 -12.48
CA ASN A 454 -7.19 -1.39 -12.23
C ASN A 454 -7.71 -2.80 -12.05
N SER A 455 -7.23 -3.72 -12.91
CA SER A 455 -7.75 -5.07 -12.90
C SER A 455 -7.26 -5.83 -11.63
N MET A 456 -6.24 -5.30 -10.97
CA MET A 456 -5.80 -5.91 -9.71
C MET A 456 -6.57 -5.40 -8.47
N GLN A 457 -7.34 -4.32 -8.61
CA GLN A 457 -8.05 -3.77 -7.46
C GLN A 457 -9.07 -4.79 -6.93
N THR A 458 -9.38 -4.72 -5.64
CA THR A 458 -10.25 -5.70 -5.02
C THR A 458 -11.30 -4.99 -4.15
N VAL A 459 -12.02 -5.71 -3.28
CA VAL A 459 -13.19 -5.12 -2.64
C VAL A 459 -13.09 -4.92 -1.11
N PHE A 460 -13.89 -3.98 -0.60
CA PHE A 460 -14.11 -3.90 0.86
C PHE A 460 -15.52 -3.48 1.16
N VAL A 461 -16.17 -4.23 2.05
CA VAL A 461 -17.46 -3.80 2.60
C VAL A 461 -17.36 -4.12 4.07
N GLY A 462 -17.83 -3.20 4.91
CA GLY A 462 -18.00 -3.45 6.34
C GLY A 462 -19.45 -3.25 6.78
N TYR A 463 -20.01 -4.23 7.46
CA TYR A 463 -21.41 -4.15 7.80
C TYR A 463 -21.52 -4.56 9.26
N GLY A 464 -22.21 -3.75 10.06
CA GLY A 464 -22.41 -4.11 11.47
C GLY A 464 -22.62 -2.87 12.34
N PRO A 465 -22.78 -3.06 13.67
CA PRO A 465 -22.98 -1.93 14.59
C PRO A 465 -21.80 -0.99 14.61
N THR A 466 -20.57 -1.45 14.38
CA THR A 466 -19.41 -0.55 14.52
C THR A 466 -19.11 0.25 13.27
N PHE A 467 -19.56 -0.25 12.10
CA PHE A 467 -19.40 0.43 10.83
C PHE A 467 -20.52 1.44 10.62
N LYS A 468 -20.28 2.36 9.71
CA LYS A 468 -21.31 3.32 9.33
C LYS A 468 -22.45 2.73 8.50
N TYR A 469 -23.56 3.47 8.44
CA TYR A 469 -24.77 3.05 7.76
C TYR A 469 -24.81 3.73 6.40
N ARG A 470 -25.07 2.95 5.35
CA ARG A 470 -25.13 3.42 3.94
C ARG A 470 -24.07 4.44 3.57
N THR A 471 -22.78 4.13 3.76
CA THR A 471 -21.77 5.17 3.59
C THR A 471 -20.77 4.72 2.55
N LYS A 472 -20.42 5.59 1.60
CA LYS A 472 -19.32 5.31 0.71
C LYS A 472 -18.03 5.97 1.23
N VAL A 473 -16.92 5.26 1.28
CA VAL A 473 -15.64 5.86 1.61
C VAL A 473 -14.74 5.79 0.37
N PRO A 474 -13.75 6.69 0.26
CA PRO A 474 -12.77 6.69 -0.85
C PRO A 474 -11.93 5.39 -0.84
N PRO A 475 -11.32 5.03 -1.98
CA PRO A 475 -10.49 3.81 -1.97
C PRO A 475 -9.36 3.92 -0.95
N PHE A 476 -8.95 2.82 -0.35
CA PHE A 476 -7.83 2.87 0.60
C PHE A 476 -6.96 1.62 0.43
N GLU A 477 -5.80 1.59 1.07
CA GLU A 477 -4.87 0.43 0.90
C GLU A 477 -5.14 -0.64 1.95
N ASN A 478 -5.00 -1.89 1.54
CA ASN A 478 -5.28 -3.00 2.44
C ASN A 478 -4.36 -3.04 3.69
N ILE A 479 -3.18 -2.43 3.62
CA ILE A 479 -2.34 -2.27 4.83
C ILE A 479 -3.05 -1.53 6.00
N GLU A 480 -4.12 -0.79 5.72
CA GLU A 480 -4.82 -0.01 6.76
C GLU A 480 -5.79 -0.83 7.62
N LEU A 481 -6.26 -1.94 7.12
CA LEU A 481 -7.31 -2.69 7.79
C LEU A 481 -6.93 -3.34 9.11
N TYR A 482 -5.66 -3.77 9.27
CA TYR A 482 -5.28 -4.41 10.53
C TYR A 482 -5.61 -3.49 11.75
N ASN A 483 -5.23 -2.21 11.67
CA ASN A 483 -5.55 -1.23 12.73
C ASN A 483 -7.08 -1.22 13.02
N VAL A 484 -7.87 -1.20 11.96
CA VAL A 484 -9.34 -1.13 12.10
C VAL A 484 -9.91 -2.39 12.74
N MET A 485 -9.43 -3.56 12.30
CA MET A 485 -9.86 -4.80 12.91
C MET A 485 -9.41 -4.82 14.38
N CYS A 486 -8.30 -4.18 14.68
CA CYS A 486 -7.84 -4.17 16.07
C CYS A 486 -8.78 -3.27 16.87
N ASP A 487 -9.15 -2.12 16.31
CA ASP A 487 -10.16 -1.21 16.92
C ASP A 487 -11.51 -1.93 17.15
N LEU A 488 -11.99 -2.64 16.13
CA LEU A 488 -13.24 -3.36 16.20
C LEU A 488 -13.29 -4.35 17.33
N LEU A 489 -12.12 -4.82 17.76
CA LEU A 489 -12.03 -5.87 18.75
C LEU A 489 -11.50 -5.35 20.07
N GLY A 490 -11.33 -4.04 20.16
CA GLY A 490 -10.75 -3.40 21.32
C GLY A 490 -9.29 -3.77 21.60
N LEU A 491 -8.48 -4.09 20.57
CA LEU A 491 -7.06 -4.50 20.73
C LEU A 491 -6.09 -3.36 20.45
N LYS A 492 -4.89 -3.45 21.00
CA LYS A 492 -3.85 -2.51 20.65
C LYS A 492 -3.06 -3.17 19.49
N PRO A 493 -2.98 -2.50 18.33
CA PRO A 493 -2.32 -3.18 17.24
C PRO A 493 -0.82 -3.21 17.43
N ALA A 494 -0.20 -4.28 16.97
CA ALA A 494 1.26 -4.35 16.90
C ALA A 494 1.76 -3.31 15.91
N PRO A 495 3.06 -2.95 16.00
CA PRO A 495 3.56 -1.91 15.11
C PRO A 495 3.39 -2.32 13.64
N ASN A 496 2.84 -1.44 12.83
CA ASN A 496 2.56 -1.88 11.45
C ASN A 496 2.65 -0.70 10.50
N ASN A 497 2.34 -0.93 9.22
CA ASN A 497 2.49 0.09 8.18
C ASN A 497 1.24 0.93 7.86
N GLY A 498 0.07 0.53 8.39
CA GLY A 498 -1.11 1.41 8.40
C GLY A 498 -0.81 2.76 9.08
N THR A 499 -1.69 3.72 8.87
CA THR A 499 -1.54 5.03 9.52
C THR A 499 -2.81 5.11 10.36
N HIS A 500 -2.66 4.81 11.65
CA HIS A 500 -3.83 4.57 12.53
C HIS A 500 -4.61 5.88 12.73
N GLY A 501 -5.90 5.84 12.38
CA GLY A 501 -6.72 7.02 12.29
C GLY A 501 -7.12 7.39 10.87
N SER A 502 -6.42 6.88 9.88
CA SER A 502 -6.73 7.30 8.50
C SER A 502 -8.04 6.66 7.97
N LEU A 503 -8.50 5.58 8.59
CA LEU A 503 -9.79 4.96 8.27
C LEU A 503 -10.87 5.18 9.36
N ASN A 504 -10.69 6.18 10.24
CA ASN A 504 -11.72 6.48 11.27
C ASN A 504 -13.09 6.79 10.64
N HIS A 505 -13.06 7.42 9.47
CA HIS A 505 -14.28 7.74 8.71
C HIS A 505 -15.08 6.51 8.26
N LEU A 506 -14.53 5.31 8.49
CA LEU A 506 -15.29 4.08 8.26
C LEU A 506 -16.21 3.72 9.42
N LEU A 507 -15.93 4.24 10.62
CA LEU A 507 -16.51 3.65 11.82
C LEU A 507 -17.49 4.60 12.47
N ARG A 508 -18.57 4.05 13.01
CA ARG A 508 -19.54 4.81 13.76
C ARG A 508 -18.96 5.25 15.11
N THR A 509 -18.25 4.35 15.80
CA THR A 509 -17.43 4.69 16.99
C THR A 509 -16.01 4.12 16.86
N ASN A 510 -14.97 4.94 17.08
CA ASN A 510 -13.57 4.46 16.86
C ASN A 510 -12.91 3.79 18.01
N THR A 511 -12.67 4.61 19.04
CA THR A 511 -11.69 4.35 20.11
C THR A 511 -10.24 4.76 19.71
N PHE A 512 -9.98 5.10 18.44
CA PHE A 512 -8.63 5.66 18.15
C PHE A 512 -8.62 7.13 17.77
N ARG A 513 -8.07 7.96 18.64
CA ARG A 513 -7.92 9.39 18.38
CA ARG A 513 -7.90 9.38 18.35
C ARG A 513 -6.44 9.68 18.25
N PRO A 514 -5.95 9.81 17.03
CA PRO A 514 -4.51 9.97 17.02
C PRO A 514 -4.12 11.42 17.32
N THR A 515 -2.87 11.62 17.65
CA THR A 515 -2.36 12.94 17.93
C THR A 515 -1.13 13.15 17.06
N MET A 516 -0.88 14.41 16.73
CA MET A 516 0.26 14.73 15.89
C MET A 516 1.55 14.37 16.63
N PRO A 517 2.52 13.80 15.92
CA PRO A 517 3.82 13.56 16.57
C PRO A 517 4.51 14.90 16.97
N ASP A 518 5.16 14.92 18.13
CA ASP A 518 5.93 16.08 18.58
C ASP A 518 7.13 16.38 17.70
N GLU A 519 7.32 17.65 17.37
CA GLU A 519 8.55 18.10 16.74
C GLU A 519 9.69 17.81 17.67
N VAL A 520 10.80 17.27 17.12
CA VAL A 520 11.97 16.96 17.92
C VAL A 520 13.00 18.08 17.89
N SER A 521 13.21 18.67 16.70
CA SER A 521 14.22 19.71 16.50
C SER A 521 13.49 20.95 16.13
N ARG A 522 13.70 22.01 16.89
CA ARG A 522 13.19 23.31 16.49
C ARG A 522 14.22 24.06 15.62
N PRO A 523 13.77 24.90 14.68
CA PRO A 523 14.70 25.51 13.73
C PRO A 523 15.45 26.64 14.33
N ASN A 524 16.53 27.06 13.68
CA ASN A 524 17.08 28.40 13.91
C ASN A 524 16.49 29.34 12.86
N TYR A 525 16.51 30.63 13.16
CA TYR A 525 16.10 31.69 12.25
C TYR A 525 17.29 32.66 12.06
N PRO A 526 18.30 32.29 11.29
CA PRO A 526 19.46 33.17 11.06
C PRO A 526 19.16 34.49 10.37
N GLY A 527 19.84 35.53 10.83
CA GLY A 527 19.79 36.82 10.15
C GLY A 527 21.08 36.95 9.36
N ILE A 528 21.36 38.16 8.84
CA ILE A 528 22.59 38.39 8.11
C ILE A 528 23.80 38.44 9.06
N MET A 529 24.69 37.48 8.88
CA MET A 529 25.75 37.20 9.82
CA MET A 529 25.77 37.21 9.82
C MET A 529 27.13 37.06 9.14
N TYR A 530 27.17 37.11 7.81
CA TYR A 530 28.43 36.86 7.08
C TYR A 530 28.59 37.81 5.94
N LEU A 531 29.82 38.25 5.75
CA LEU A 531 30.19 39.10 4.60
C LEU A 531 30.59 38.20 3.44
N GLN A 532 30.28 38.67 2.23
CA GLN A 532 30.59 37.95 1.00
C GLN A 532 32.03 37.44 0.92
N SER A 533 32.98 38.25 1.38
CA SER A 533 34.40 37.88 1.27
C SER A 533 34.83 36.72 2.15
N GLU A 534 34.00 36.36 3.13
CA GLU A 534 34.27 35.17 3.96
C GLU A 534 34.14 33.85 3.21
N PHE A 535 33.47 33.90 2.08
CA PHE A 535 33.18 32.68 1.35
C PHE A 535 34.22 32.41 0.30
N ASP A 536 34.71 31.20 0.23
CA ASP A 536 35.55 30.85 -0.89
C ASP A 536 34.99 29.59 -1.50
N LEU A 537 33.89 29.71 -2.23
CA LEU A 537 33.19 28.54 -2.71
C LEU A 537 33.50 28.30 -4.16
N GLY A 538 34.23 29.21 -4.80
CA GLY A 538 34.59 29.05 -6.22
C GLY A 538 33.33 29.27 -7.05
N CYS A 539 32.38 29.98 -6.46
CA CYS A 539 31.13 30.27 -7.12
C CYS A 539 31.29 31.68 -7.62
N THR A 540 30.58 32.00 -8.69
CA THR A 540 30.50 33.38 -9.19
C THR A 540 29.07 33.68 -9.63
N CYS A 541 28.72 34.97 -9.61
CA CYS A 541 27.47 35.45 -10.16
C CYS A 541 27.66 36.87 -10.66
N ASP A 542 27.09 37.15 -11.83
CA ASP A 542 27.03 38.50 -12.39
C ASP A 542 25.92 39.34 -11.72
N ASP A 543 26.05 39.55 -10.42
CA ASP A 543 24.98 40.18 -9.64
C ASP A 543 25.27 41.60 -9.12
N LYS A 544 26.44 42.14 -9.45
CA LYS A 544 26.81 43.51 -9.03
C LYS A 544 26.07 44.56 -9.89
N VAL A 545 24.74 44.52 -9.82
CA VAL A 545 23.87 45.49 -10.53
C VAL A 545 22.94 46.21 -9.52
N GLU A 546 23.32 47.43 -9.16
CA GLU A 546 22.53 48.28 -8.24
C GLU A 546 21.78 49.34 -9.02
N ASN A 549 16.77 55.09 -1.79
CA ASN A 549 15.66 54.22 -2.15
C ASN A 549 15.27 53.31 -0.97
N LYS A 550 14.54 53.90 -0.01
CA LYS A 550 14.16 53.18 1.22
C LYS A 550 12.83 52.38 1.11
N LEU A 551 12.08 52.56 0.01
CA LEU A 551 10.87 51.77 -0.28
C LEU A 551 11.21 50.29 -0.65
N GLU A 552 12.10 50.12 -1.63
CA GLU A 552 12.41 48.81 -2.20
C GLU A 552 13.61 48.11 -1.50
N GLU A 553 14.04 48.67 -0.38
CA GLU A 553 15.13 48.08 0.42
C GLU A 553 14.67 47.71 1.84
N LEU A 554 13.56 48.32 2.28
CA LEU A 554 12.80 47.88 3.48
C LEU A 554 11.89 46.71 3.11
N ASN A 555 11.60 46.62 1.81
CA ASN A 555 10.78 45.56 1.23
C ASN A 555 11.53 44.22 1.15
N LYS A 556 12.79 44.28 0.72
CA LYS A 556 13.65 43.09 0.63
C LYS A 556 14.06 42.57 2.01
N ARG A 557 14.13 43.49 2.99
CA ARG A 557 14.32 43.13 4.39
C ARG A 557 13.13 42.36 4.96
N LEU A 558 11.90 42.86 4.68
CA LEU A 558 10.64 42.22 5.12
C LEU A 558 10.45 40.81 4.53
N HIS A 559 10.87 40.61 3.28
CA HIS A 559 10.81 39.30 2.60
C HIS A 559 11.71 38.27 3.24
N THR A 560 12.90 38.71 3.68
CA THR A 560 13.84 37.88 4.42
C THR A 560 13.40 37.65 5.89
N LYS A 561 12.42 38.43 6.35
CA LYS A 561 11.79 38.23 7.68
C LYS A 561 10.50 37.39 7.63
N GLY A 562 10.15 36.93 6.43
CA GLY A 562 8.98 36.09 6.26
C GLY A 562 7.68 36.85 6.16
N SER A 563 7.69 38.01 5.50
CA SER A 563 6.46 38.78 5.26
C SER A 563 5.50 38.10 4.25
N THR A 564 6.04 37.42 3.24
CA THR A 564 5.23 36.67 2.29
C THR A 564 5.04 35.19 2.71
N LYS A 565 5.46 34.84 3.93
CA LYS A 565 5.44 33.44 4.37
C LYS A 565 4.03 32.78 4.42
N GLU A 566 2.98 33.59 4.58
CA GLU A 566 1.61 33.05 4.59
C GLU A 566 1.18 32.59 3.20
N ARG A 567 1.84 33.11 2.17
CA ARG A 567 1.56 32.78 0.78
C ARG A 567 2.23 31.44 0.40
N HIS A 568 3.51 31.30 0.75
CA HIS A 568 4.31 30.14 0.34
C HIS A 568 4.30 28.97 1.32
N LEU A 569 3.88 29.21 2.54
CA LEU A 569 3.79 28.17 3.53
C LEU A 569 2.38 28.03 4.07
N LEU A 570 1.58 27.24 3.36
CA LEU A 570 0.12 27.27 3.53
C LEU A 570 -0.38 26.38 4.64
N TYR A 571 0.37 25.32 4.96
CA TYR A 571 -0.10 24.37 5.95
C TYR A 571 0.80 24.26 7.20
N GLY A 572 1.55 25.32 7.46
CA GLY A 572 2.45 25.32 8.60
C GLY A 572 3.77 24.79 8.10
N ARG A 573 4.84 25.06 8.83
CA ARG A 573 6.07 24.43 8.40
C ARG A 573 6.03 22.95 8.79
N PRO A 574 6.60 22.07 7.96
CA PRO A 574 6.72 20.66 8.33
C PRO A 574 7.42 20.53 9.69
N ALA A 575 7.11 19.50 10.48
CA ALA A 575 7.87 19.29 11.69
C ALA A 575 8.99 18.26 11.48
N VAL A 576 10.14 18.53 12.09
CA VAL A 576 11.30 17.66 11.99
C VAL A 576 11.22 16.70 13.14
N LEU A 577 11.09 15.41 12.81
CA LEU A 577 10.83 14.41 13.83
C LEU A 577 12.07 13.69 14.33
N TYR A 578 13.25 14.18 14.03
CA TYR A 578 14.45 13.54 14.57
C TYR A 578 15.38 14.66 15.00
N ARG A 579 16.49 14.30 15.64
CA ARG A 579 17.44 15.31 16.18
C ARG A 579 18.46 15.85 15.16
N THR A 580 18.44 17.16 14.91
CA THR A 580 19.27 17.69 13.84
C THR A 580 19.44 19.17 13.98
N SER A 581 20.21 19.78 13.12
CA SER A 581 20.43 21.20 13.19
C SER A 581 20.05 21.81 11.85
N TYR A 582 19.10 22.75 11.84
CA TYR A 582 18.61 23.29 10.58
C TYR A 582 18.09 24.71 10.73
N ASP A 583 18.01 25.44 9.63
CA ASP A 583 17.62 26.85 9.66
C ASP A 583 16.43 27.12 8.77
N ILE A 584 15.48 27.93 9.21
CA ILE A 584 14.39 28.37 8.33
C ILE A 584 14.92 29.55 7.56
N LEU A 585 14.91 29.47 6.23
CA LEU A 585 15.26 30.58 5.34
C LEU A 585 14.05 31.11 4.57
N TYR A 586 13.79 32.40 4.71
CA TYR A 586 12.66 33.07 4.06
C TYR A 586 13.14 33.82 2.83
N HIS A 587 12.27 33.86 1.82
CA HIS A 587 12.52 34.63 0.62
C HIS A 587 11.16 35.10 0.05
N THR A 588 11.21 36.06 -0.83
CA THR A 588 10.02 36.57 -1.52
C THR A 588 9.12 35.45 -2.06
N ASP A 589 9.74 34.46 -2.72
CA ASP A 589 8.99 33.48 -3.55
C ASP A 589 8.91 32.06 -2.96
N PHE A 590 9.61 31.83 -1.85
CA PHE A 590 9.77 30.50 -1.28
C PHE A 590 10.38 30.52 0.09
N GLU A 591 10.16 29.43 0.81
CA GLU A 591 10.63 29.31 2.18
C GLU A 591 11.28 27.93 2.24
N SER A 592 12.39 27.81 2.97
CA SER A 592 13.04 26.51 3.10
C SER A 592 13.48 26.16 4.53
N GLY A 593 13.63 24.86 4.79
CA GLY A 593 14.18 24.39 6.05
C GLY A 593 15.55 23.82 5.66
N TYR A 594 16.60 24.59 5.94
CA TYR A 594 17.94 24.25 5.44
C TYR A 594 18.78 23.48 6.47
N SER A 595 19.25 22.30 6.06
CA SER A 595 19.99 21.42 6.95
C SER A 595 21.48 21.73 6.95
N GLU A 596 21.97 22.08 8.13
CA GLU A 596 23.40 22.34 8.31
C GLU A 596 24.20 21.05 8.29
N ILE A 597 23.53 19.92 8.53
CA ILE A 597 24.17 18.60 8.47
C ILE A 597 24.34 18.07 7.04
N PHE A 598 23.28 18.14 6.24
CA PHE A 598 23.33 17.64 4.87
C PHE A 598 23.67 18.73 3.87
N LEU A 599 23.80 19.96 4.36
CA LEU A 599 24.25 21.07 3.54
C LEU A 599 23.25 21.38 2.37
N MET A 600 21.98 21.13 2.62
CA MET A 600 20.97 21.53 1.65
C MET A 600 19.59 21.53 2.30
N PRO A 601 18.60 22.07 1.60
CA PRO A 601 17.30 22.05 2.28
C PRO A 601 16.75 20.65 2.53
N LEU A 602 16.06 20.47 3.64
CA LEU A 602 15.25 19.25 3.80
C LEU A 602 13.91 19.41 3.05
N TRP A 603 13.44 20.65 2.93
CA TRP A 603 12.15 20.91 2.29
C TRP A 603 12.24 22.32 1.77
N THR A 604 11.63 22.55 0.63
CA THR A 604 11.46 23.92 0.06
C THR A 604 9.98 24.10 -0.30
N SER A 605 9.34 25.14 0.26
CA SER A 605 7.89 25.36 0.10
C SER A 605 7.59 26.63 -0.74
N TYR A 606 6.78 26.48 -1.80
CA TYR A 606 6.36 27.63 -2.58
C TYR A 606 4.96 27.48 -3.23
N THR A 607 4.27 28.61 -3.43
CA THR A 607 2.96 28.64 -4.08
C THR A 607 3.03 29.34 -5.45
N ILE A 608 2.40 28.73 -6.46
CA ILE A 608 2.33 29.13 -7.89
C ILE A 608 0.85 29.27 -8.21
N SER A 609 0.39 30.50 -8.32
CA SER A 609 -1.01 30.76 -8.53
C SER A 609 -1.32 30.47 -10.02
N LYS A 610 -2.60 30.27 -10.33
CA LYS A 610 -3.08 30.17 -11.72
C LYS A 610 -2.57 31.31 -12.61
N GLN A 611 -2.52 32.53 -12.04
CA GLN A 611 -2.06 33.71 -12.79
C GLN A 611 -0.54 33.77 -12.99
N ALA A 612 0.21 32.99 -12.24
CA ALA A 612 1.68 33.10 -12.24
C ALA A 612 2.29 32.88 -13.60
N GLU A 613 3.47 33.47 -13.82
CA GLU A 613 4.10 33.55 -15.13
C GLU A 613 5.45 32.83 -15.14
N VAL A 614 5.70 32.07 -16.21
CA VAL A 614 6.99 31.42 -16.44
C VAL A 614 7.90 32.39 -17.20
N SER A 615 9.10 32.62 -16.65
CA SER A 615 10.15 33.34 -17.35
C SER A 615 11.34 32.42 -17.57
N SER A 616 12.29 32.81 -18.39
CA SER A 616 13.52 32.02 -18.51
C SER A 616 14.64 32.70 -17.76
N ILE A 617 15.68 31.92 -17.48
CA ILE A 617 16.89 32.39 -16.83
C ILE A 617 17.68 33.31 -17.79
N PRO A 618 17.81 34.62 -17.44
CA PRO A 618 18.64 35.54 -18.24
C PRO A 618 20.03 34.96 -18.52
N GLU A 619 20.55 35.19 -19.73
CA GLU A 619 21.85 34.64 -20.17
C GLU A 619 22.97 34.89 -19.17
N HIS A 620 23.08 36.14 -18.68
CA HIS A 620 24.15 36.55 -17.75
C HIS A 620 24.10 35.81 -16.39
N LEU A 621 22.99 35.13 -16.12
CA LEU A 621 22.80 34.37 -14.88
C LEU A 621 22.76 32.84 -15.03
N THR A 622 23.19 32.29 -16.17
CA THR A 622 23.21 30.83 -16.38
C THR A 622 23.97 30.09 -15.28
N ASN A 623 25.20 30.54 -15.00
CA ASN A 623 26.08 29.85 -14.05
C ASN A 623 26.14 30.51 -12.68
N CYS A 624 25.22 31.42 -12.44
CA CYS A 624 25.18 32.18 -11.19
C CYS A 624 24.88 31.31 -9.94
N VAL A 625 25.82 31.24 -9.01
CA VAL A 625 25.54 30.70 -7.67
C VAL A 625 26.06 31.73 -6.65
N ARG A 626 25.19 32.16 -5.73
CA ARG A 626 25.49 33.24 -4.79
C ARG A 626 25.58 32.71 -3.34
N PRO A 627 26.61 33.11 -2.60
CA PRO A 627 26.65 32.79 -1.17
C PRO A 627 25.42 33.33 -0.41
N ASP A 628 24.95 32.56 0.56
CA ASP A 628 23.87 32.97 1.42
C ASP A 628 24.43 33.64 2.70
N VAL A 629 24.23 34.94 2.87
CA VAL A 629 24.91 35.66 4.00
C VAL A 629 24.35 35.36 5.39
N ARG A 630 23.27 34.55 5.40
CA ARG A 630 22.67 34.02 6.61
C ARG A 630 23.31 32.73 7.09
N VAL A 631 24.17 32.09 6.29
CA VAL A 631 24.63 30.71 6.56
C VAL A 631 26.15 30.61 6.39
N SER A 632 26.84 30.01 7.36
CA SER A 632 28.31 30.08 7.32
C SER A 632 28.93 29.37 6.09
N PRO A 633 30.11 29.84 5.62
CA PRO A 633 30.82 29.05 4.63
C PRO A 633 30.90 27.59 5.06
N GLY A 634 31.14 27.33 6.34
CA GLY A 634 31.36 25.97 6.80
C GLY A 634 30.15 25.06 6.66
N PHE A 635 28.94 25.63 6.54
CA PHE A 635 27.70 24.85 6.38
C PHE A 635 27.09 25.02 4.98
N SER A 636 27.93 25.37 4.02
CA SER A 636 27.50 25.64 2.65
C SER A 636 28.02 24.60 1.66
N GLN A 637 27.31 24.40 0.55
CA GLN A 637 27.94 23.67 -0.54
C GLN A 637 29.00 24.59 -1.22
N ASN A 638 29.75 24.07 -2.18
CA ASN A 638 30.66 24.91 -2.95
C ASN A 638 30.60 24.50 -4.42
N CYS A 639 30.96 25.44 -5.29
CA CYS A 639 30.88 25.21 -6.73
C CYS A 639 32.05 24.42 -7.25
N LEU A 640 33.18 24.51 -6.57
CA LEU A 640 34.39 23.80 -6.99
C LEU A 640 34.19 22.30 -7.02
N ALA A 641 33.57 21.75 -5.98
CA ALA A 641 33.22 20.32 -5.94
C ALA A 641 32.44 19.89 -7.18
N TYR A 642 31.44 20.70 -7.59
CA TYR A 642 30.69 20.36 -8.81
C TYR A 642 31.55 20.44 -10.06
N LYS A 643 32.48 21.39 -10.09
CA LYS A 643 33.45 21.49 -11.18
C LYS A 643 34.33 20.25 -11.25
N ASN A 644 34.92 19.86 -10.12
CA ASN A 644 35.81 18.68 -10.07
C ASN A 644 35.07 17.35 -10.30
N ASP A 645 33.80 17.27 -9.91
CA ASP A 645 32.98 16.07 -10.14
C ASP A 645 32.42 16.05 -11.55
N LYS A 646 33.01 15.18 -12.35
CA LYS A 646 32.68 15.05 -13.75
C LYS A 646 31.32 14.35 -13.95
N GLN A 647 30.88 13.57 -12.96
CA GLN A 647 29.58 12.87 -13.04
C GLN A 647 28.41 13.78 -12.62
N MET A 648 28.70 14.73 -11.73
CA MET A 648 27.64 15.37 -10.97
C MET A 648 27.47 16.84 -11.33
N SER A 649 26.24 17.30 -11.49
CA SER A 649 26.00 18.72 -11.72
C SER A 649 25.09 19.17 -10.58
N TYR A 650 24.27 20.20 -10.75
CA TYR A 650 23.44 20.67 -9.68
C TYR A 650 22.17 21.26 -10.27
N GLY A 651 21.15 21.36 -9.43
CA GLY A 651 19.85 21.95 -9.80
C GLY A 651 19.36 22.76 -8.61
N PHE A 652 18.13 23.24 -8.69
CA PHE A 652 17.62 24.15 -7.68
C PHE A 652 16.26 23.68 -7.22
N LEU A 653 16.00 23.81 -5.93
CA LEU A 653 14.74 23.30 -5.44
C LEU A 653 13.59 24.27 -5.74
N PHE A 654 13.76 25.56 -5.43
CA PHE A 654 12.78 26.54 -5.92
C PHE A 654 13.29 26.89 -7.32
N PRO A 655 12.43 26.73 -8.35
CA PRO A 655 12.92 26.91 -9.70
C PRO A 655 13.04 28.42 -10.07
N PRO A 656 14.23 28.84 -10.53
CA PRO A 656 14.42 30.17 -11.13
C PRO A 656 13.33 30.58 -12.14
N TYR A 657 12.87 29.63 -12.97
CA TYR A 657 11.85 29.93 -13.98
C TYR A 657 10.58 30.53 -13.41
N LEU A 658 10.33 30.32 -12.14
CA LEU A 658 9.08 30.75 -11.55
C LEU A 658 9.20 31.97 -10.63
N SER A 659 10.37 32.61 -10.66
CA SER A 659 10.59 33.81 -9.85
C SER A 659 9.54 34.89 -10.17
N SER A 660 9.14 35.64 -9.15
CA SER A 660 8.00 36.58 -9.34
C SER A 660 8.37 37.97 -9.91
N SER A 661 9.65 38.29 -9.90
CA SER A 661 10.20 39.50 -10.49
C SER A 661 11.66 39.22 -10.85
N PRO A 662 12.26 40.05 -11.73
CA PRO A 662 13.69 39.87 -12.02
C PRO A 662 14.62 39.98 -10.81
N GLU A 663 14.24 40.83 -9.85
CA GLU A 663 15.06 41.01 -8.65
C GLU A 663 14.92 39.80 -7.70
N ALA A 664 13.70 39.32 -7.50
CA ALA A 664 13.47 38.12 -6.70
C ALA A 664 14.20 36.88 -7.23
N LYS A 665 14.52 36.83 -8.53
CA LYS A 665 15.18 35.67 -9.12
C LYS A 665 16.55 35.40 -8.52
N TYR A 666 17.22 36.48 -8.11
CA TYR A 666 18.50 36.36 -7.45
C TYR A 666 18.39 35.42 -6.27
N ASP A 667 17.29 35.49 -5.52
CA ASP A 667 17.06 34.53 -4.41
C ASP A 667 17.19 33.05 -4.83
N ALA A 668 16.75 32.71 -6.04
CA ALA A 668 16.76 31.30 -6.50
C ALA A 668 18.18 30.78 -6.80
N PHE A 669 19.13 31.69 -6.95
CA PHE A 669 20.49 31.26 -7.23
C PHE A 669 21.42 31.16 -6.01
N LEU A 670 20.83 31.30 -4.83
CA LEU A 670 21.56 31.18 -3.57
C LEU A 670 22.07 29.76 -3.40
N VAL A 671 23.25 29.63 -2.84
CA VAL A 671 23.95 28.33 -2.68
C VAL A 671 23.11 27.42 -1.76
N THR A 672 22.21 28.02 -0.97
CA THR A 672 21.35 27.27 -0.08
C THR A 672 20.07 26.69 -0.74
N ASN A 673 19.86 26.98 -2.02
CA ASN A 673 18.78 26.43 -2.81
C ASN A 673 19.33 25.36 -3.81
N MET A 674 20.65 25.14 -3.85
CA MET A 674 21.30 24.19 -4.74
CA MET A 674 21.20 24.17 -4.77
C MET A 674 21.22 22.77 -4.18
N VAL A 675 21.09 21.78 -5.08
CA VAL A 675 21.09 20.37 -4.69
C VAL A 675 21.79 19.59 -5.78
N PRO A 676 22.48 18.52 -5.42
CA PRO A 676 23.25 17.87 -6.47
C PRO A 676 22.37 17.03 -7.43
N MET A 677 22.68 17.11 -8.72
CA MET A 677 21.92 16.42 -9.77
C MET A 677 22.74 15.94 -10.93
N TYR A 678 22.59 14.67 -11.23
CA TYR A 678 23.18 14.11 -12.45
C TYR A 678 22.61 14.83 -13.67
N PRO A 679 23.45 15.08 -14.71
CA PRO A 679 22.87 15.71 -15.92
C PRO A 679 21.67 14.93 -16.47
N ALA A 680 21.69 13.60 -16.46
CA ALA A 680 20.55 12.82 -16.92
C ALA A 680 19.26 13.16 -16.16
N PHE A 681 19.38 13.27 -14.84
CA PHE A 681 18.24 13.68 -14.01
C PHE A 681 17.82 15.15 -14.17
N LYS A 682 18.78 16.03 -14.49
CA LYS A 682 18.41 17.44 -14.76
C LYS A 682 17.42 17.58 -15.91
N ARG A 683 17.51 16.69 -16.89
CA ARG A 683 16.47 16.65 -17.94
C ARG A 683 15.07 16.47 -17.34
N VAL A 684 14.89 15.48 -16.44
CA VAL A 684 13.59 15.24 -15.79
C VAL A 684 13.14 16.46 -14.98
N TRP A 685 14.05 16.93 -14.12
CA TRP A 685 13.77 17.97 -13.13
C TRP A 685 13.44 19.34 -13.77
N ALA A 686 14.24 19.72 -14.77
CA ALA A 686 13.98 20.96 -15.55
C ALA A 686 12.60 20.97 -16.21
N TYR A 687 12.19 19.83 -16.78
CA TYR A 687 10.86 19.76 -17.40
C TYR A 687 9.74 19.90 -16.37
N PHE A 688 9.89 19.23 -15.25
CA PHE A 688 8.95 19.36 -14.16
C PHE A 688 8.81 20.82 -13.75
N GLN A 689 9.93 21.45 -13.42
CA GLN A 689 9.90 22.85 -12.94
C GLN A 689 9.50 23.87 -14.02
N ARG A 690 9.97 23.69 -15.26
CA ARG A 690 9.72 24.67 -16.32
C ARG A 690 8.33 24.51 -16.91
N VAL A 691 7.90 23.27 -17.13
CA VAL A 691 6.61 22.98 -17.80
C VAL A 691 5.49 22.50 -16.87
N LEU A 692 5.74 21.43 -16.10
CA LEU A 692 4.64 20.82 -15.36
C LEU A 692 4.10 21.60 -14.18
N VAL A 693 4.95 22.35 -13.46
CA VAL A 693 4.37 23.07 -12.32
C VAL A 693 3.31 24.08 -12.82
N LYS A 694 3.69 24.88 -13.82
CA LYS A 694 2.76 25.85 -14.41
C LYS A 694 1.50 25.13 -14.90
N LYS A 695 1.68 24.02 -15.62
CA LYS A 695 0.52 23.23 -16.06
C LYS A 695 -0.41 22.84 -14.90
N TYR A 696 0.18 22.40 -13.79
CA TYR A 696 -0.64 21.97 -12.66
C TYR A 696 -1.31 23.19 -12.05
N ALA A 697 -0.57 24.30 -11.94
CA ALA A 697 -1.16 25.51 -11.39
C ALA A 697 -2.41 25.94 -12.18
N SER A 698 -2.34 25.90 -13.51
CA SER A 698 -3.52 26.38 -14.28
C SER A 698 -4.67 25.36 -14.26
N GLU A 699 -4.36 24.07 -14.26
CA GLU A 699 -5.38 23.04 -14.13
C GLU A 699 -6.05 22.97 -12.76
N ARG A 700 -5.32 23.27 -11.67
CA ARG A 700 -5.84 23.05 -10.32
CA ARG A 700 -5.85 23.05 -10.33
C ARG A 700 -6.19 24.36 -9.62
N ASN A 701 -6.01 25.48 -10.34
CA ASN A 701 -6.26 26.84 -9.81
C ASN A 701 -5.25 27.18 -8.66
N GLY A 702 -3.98 27.27 -9.01
CA GLY A 702 -2.90 27.36 -8.02
C GLY A 702 -2.48 25.96 -7.50
N VAL A 703 -1.18 25.83 -7.17
CA VAL A 703 -0.71 24.74 -6.34
C VAL A 703 0.35 25.29 -5.38
N ASN A 704 0.39 24.70 -4.20
CA ASN A 704 1.50 24.83 -3.31
C ASN A 704 2.41 23.60 -3.54
N VAL A 705 3.70 23.85 -3.70
CA VAL A 705 4.66 22.78 -3.93
C VAL A 705 5.68 22.67 -2.78
N ILE A 706 5.88 21.46 -2.24
CA ILE A 706 6.99 21.22 -1.31
C ILE A 706 7.84 20.13 -1.93
N SER A 707 9.10 20.47 -2.16
CA SER A 707 10.10 19.64 -2.77
C SER A 707 11.32 19.48 -1.89
N GLY A 708 12.04 18.39 -2.11
CA GLY A 708 13.25 18.20 -1.30
C GLY A 708 13.94 16.93 -1.68
N PRO A 709 15.08 16.66 -1.02
CA PRO A 709 15.85 15.47 -1.29
C PRO A 709 15.44 14.33 -0.35
N ILE A 710 15.72 13.12 -0.82
CA ILE A 710 15.53 11.88 -0.05
C ILE A 710 16.82 11.04 -0.09
N PHE A 711 17.24 10.50 1.06
CA PHE A 711 18.42 9.61 1.09
C PHE A 711 17.95 8.25 1.60
N ASP A 712 17.93 7.23 0.74
CA ASP A 712 17.57 5.92 1.22
C ASP A 712 18.50 4.89 0.60
N TYR A 713 19.78 4.95 0.98
CA TYR A 713 20.77 4.05 0.47
C TYR A 713 20.66 2.57 0.89
N ASN A 714 20.03 2.29 2.04
CA ASN A 714 19.78 0.90 2.36
C ASN A 714 18.37 0.44 1.97
N TYR A 715 17.65 1.23 1.16
CA TYR A 715 16.34 0.86 0.60
C TYR A 715 15.37 0.24 1.60
N ASP A 716 15.30 0.84 2.78
CA ASP A 716 14.37 0.39 3.78
C ASP A 716 13.09 1.26 3.86
N GLY A 717 13.03 2.33 3.06
CA GLY A 717 11.85 3.16 2.97
C GLY A 717 11.89 4.18 4.08
N LEU A 718 13.05 4.26 4.75
CA LEU A 718 13.15 5.08 5.95
C LEU A 718 14.33 6.06 5.83
N ARG A 719 14.16 7.25 6.38
CA ARG A 719 15.19 8.29 6.25
C ARG A 719 16.59 7.77 6.68
N ASP A 720 17.63 7.95 5.86
CA ASP A 720 18.98 7.57 6.30
C ASP A 720 19.58 8.57 7.27
N THR A 721 20.35 8.06 8.23
CA THR A 721 21.24 8.91 9.04
C THR A 721 22.48 9.22 8.21
N GLU A 722 23.23 10.25 8.60
CA GLU A 722 24.37 10.70 7.83
C GLU A 722 25.38 9.57 7.60
N ASP A 723 25.52 8.68 8.57
CA ASP A 723 26.56 7.65 8.46
C ASP A 723 26.14 6.51 7.53
N GLU A 724 24.99 6.65 6.87
CA GLU A 724 24.48 5.65 5.90
C GLU A 724 24.66 6.06 4.42
N ILE A 725 25.09 7.30 4.18
CA ILE A 725 25.22 7.84 2.82
C ILE A 725 26.40 7.15 2.11
N LYS A 726 26.19 6.57 0.94
CA LYS A 726 27.28 5.93 0.18
C LYS A 726 27.94 6.80 -0.88
N GLN A 727 27.40 7.99 -1.11
CA GLN A 727 27.92 8.85 -2.19
C GLN A 727 27.90 10.33 -1.89
N TYR A 728 29.00 11.00 -2.22
CA TYR A 728 29.19 12.44 -1.98
C TYR A 728 29.66 13.02 -3.31
N VAL A 729 29.33 14.27 -3.51
CA VAL A 729 29.89 15.02 -4.60
C VAL A 729 31.39 15.02 -4.33
N GLU A 730 32.13 14.64 -5.35
CA GLU A 730 33.54 14.29 -5.20
C GLU A 730 34.37 15.36 -4.48
N GLY A 731 35.14 14.91 -3.50
CA GLY A 731 36.04 15.76 -2.75
C GLY A 731 35.31 16.69 -1.83
N SER A 732 34.09 16.34 -1.43
CA SER A 732 33.28 17.21 -0.56
C SER A 732 32.51 16.35 0.40
N SER A 733 31.83 17.01 1.33
CA SER A 733 30.92 16.37 2.27
C SER A 733 29.44 16.65 1.86
N ILE A 734 29.21 16.95 0.59
CA ILE A 734 27.87 17.13 0.06
C ILE A 734 27.30 15.77 -0.32
N PRO A 735 26.30 15.29 0.42
CA PRO A 735 25.78 13.95 0.20
C PRO A 735 24.84 13.89 -1.04
N VAL A 736 24.81 12.79 -1.76
CA VAL A 736 24.01 12.74 -2.95
C VAL A 736 22.69 12.04 -2.63
N PRO A 737 21.57 12.71 -2.94
CA PRO A 737 20.27 12.11 -2.72
C PRO A 737 20.04 10.87 -3.60
N THR A 738 19.27 9.90 -3.11
CA THR A 738 18.93 8.76 -3.95
C THR A 738 17.63 9.17 -4.68
N HIS A 739 16.86 10.10 -4.12
CA HIS A 739 15.59 10.46 -4.69
C HIS A 739 15.30 11.95 -4.47
N TYR A 740 14.41 12.51 -5.31
CA TYR A 740 13.80 13.85 -5.09
C TYR A 740 12.29 13.72 -5.08
N TYR A 741 11.65 14.37 -4.12
CA TYR A 741 10.18 14.33 -3.94
C TYR A 741 9.59 15.69 -4.22
N SER A 742 8.29 15.73 -4.47
CA SER A 742 7.50 16.93 -4.44
C SER A 742 6.12 16.54 -3.99
N ILE A 743 5.51 17.43 -3.21
CA ILE A 743 4.16 17.27 -2.72
C ILE A 743 3.38 18.49 -3.24
N ILE A 744 2.35 18.24 -4.03
CA ILE A 744 1.66 19.27 -4.78
C ILE A 744 0.20 19.35 -4.31
N THR A 745 -0.10 20.40 -3.55
CA THR A 745 -1.35 20.54 -2.84
C THR A 745 -2.17 21.69 -3.46
N SER A 746 -3.47 21.47 -3.59
CA SER A 746 -4.39 22.53 -4.03
C SER A 746 -5.72 22.33 -3.31
N CYS A 747 -6.72 23.15 -3.67
CA CYS A 747 -8.03 23.09 -3.04
C CYS A 747 -8.86 22.01 -3.73
N LEU A 748 -9.52 21.16 -2.96
CA LEU A 748 -10.35 20.09 -3.57
C LEU A 748 -11.47 20.75 -4.39
N ASP A 749 -12.09 21.78 -3.82
CA ASP A 749 -13.04 22.59 -4.60
C ASP A 749 -12.19 23.57 -5.41
N PHE A 750 -11.81 23.16 -6.63
CA PHE A 750 -10.96 23.97 -7.51
C PHE A 750 -11.53 25.31 -8.02
N THR A 751 -12.73 25.69 -7.57
CA THR A 751 -13.23 27.04 -7.85
C THR A 751 -12.56 28.01 -6.91
N GLN A 752 -11.98 27.49 -5.81
CA GLN A 752 -11.14 28.31 -4.92
C GLN A 752 -9.65 28.19 -5.24
N PRO A 753 -8.92 29.32 -5.21
CA PRO A 753 -7.49 29.24 -5.47
C PRO A 753 -6.77 28.52 -4.32
N ALA A 754 -5.62 27.91 -4.62
CA ALA A 754 -4.89 27.12 -3.60
C ALA A 754 -4.59 27.93 -2.36
N ASP A 755 -4.24 29.22 -2.51
CA ASP A 755 -3.93 30.02 -1.33
C ASP A 755 -5.13 30.63 -0.59
N LYS A 756 -6.34 30.37 -1.05
CA LYS A 756 -7.54 30.78 -0.30
C LYS A 756 -8.56 29.68 -0.40
N CYS A 757 -8.33 28.58 0.30
CA CYS A 757 -9.19 27.41 0.23
C CYS A 757 -9.81 27.24 1.60
N ASP A 758 -11.12 27.07 1.68
CA ASP A 758 -11.81 27.00 2.99
C ASP A 758 -12.13 25.58 3.42
N GLY A 759 -11.98 24.60 2.53
CA GLY A 759 -12.40 23.24 2.82
C GLY A 759 -11.29 22.19 2.61
N PRO A 760 -11.67 20.95 2.26
CA PRO A 760 -10.77 19.83 2.03
C PRO A 760 -9.73 20.13 0.95
N LEU A 761 -8.58 19.43 1.02
CA LEU A 761 -7.45 19.64 0.10
C LEU A 761 -7.38 18.52 -0.92
N SER A 762 -6.59 18.71 -1.98
CA SER A 762 -6.31 17.66 -2.96
C SER A 762 -4.80 17.59 -3.13
N VAL A 763 -4.22 16.39 -3.16
CA VAL A 763 -2.78 16.27 -3.23
C VAL A 763 -2.34 15.26 -4.29
N SER A 764 -1.27 15.55 -4.99
CA SER A 764 -0.54 14.48 -5.67
C SER A 764 0.94 14.64 -5.34
N SER A 765 1.63 13.54 -5.23
CA SER A 765 3.06 13.58 -4.87
C SER A 765 3.88 12.60 -5.68
N PHE A 766 5.21 12.75 -5.68
CA PHE A 766 6.05 11.72 -6.27
C PHE A 766 7.42 11.64 -5.59
N ILE A 767 8.10 10.52 -5.81
CA ILE A 767 9.44 10.28 -5.31
C ILE A 767 10.23 9.80 -6.53
N LEU A 768 10.91 10.73 -7.20
CA LEU A 768 11.65 10.39 -8.41
C LEU A 768 13.00 9.84 -8.01
N PRO A 769 13.40 8.71 -8.61
CA PRO A 769 14.74 8.17 -8.41
C PRO A 769 15.78 9.08 -9.05
N HIS A 770 16.82 9.39 -8.28
CA HIS A 770 17.86 10.28 -8.73
C HIS A 770 18.92 9.44 -9.49
N ARG A 771 18.71 9.20 -10.77
CA ARG A 771 19.55 8.22 -11.50
C ARG A 771 20.44 8.92 -12.49
N PRO A 772 21.71 8.44 -12.68
CA PRO A 772 22.68 9.06 -13.61
C PRO A 772 22.40 8.75 -15.08
N ASP A 773 21.42 7.89 -15.37
CA ASP A 773 20.98 7.68 -16.73
C ASP A 773 19.46 7.66 -16.73
N ASN A 774 18.88 7.71 -17.91
CA ASN A 774 17.46 7.52 -18.10
C ASN A 774 17.14 6.19 -18.77
N ASP A 775 17.88 5.14 -18.42
CA ASP A 775 17.59 3.78 -18.96
C ASP A 775 16.19 3.28 -18.66
N GLU A 776 15.63 3.71 -17.53
CA GLU A 776 14.28 3.34 -17.18
C GLU A 776 13.33 3.78 -18.26
N SER A 777 13.55 4.93 -18.90
CA SER A 777 12.61 5.39 -19.92
C SER A 777 13.11 5.08 -21.35
N CYS A 778 12.49 4.10 -22.01
CA CYS A 778 12.96 3.67 -23.35
C CYS A 778 12.85 4.74 -24.42
N ASN A 779 12.00 5.74 -24.20
CA ASN A 779 11.85 6.89 -25.09
C ASN A 779 12.65 8.13 -24.73
N SER A 780 13.69 7.99 -23.90
CA SER A 780 14.41 9.18 -23.37
C SER A 780 15.24 10.00 -24.37
N SER A 781 15.64 9.39 -25.49
CA SER A 781 16.32 10.16 -26.52
C SER A 781 15.35 11.19 -27.16
N GLU A 782 14.05 11.00 -26.97
CA GLU A 782 13.11 11.98 -27.46
C GLU A 782 12.95 13.21 -26.54
N ASP A 783 12.06 14.11 -26.93
CA ASP A 783 11.79 15.33 -26.18
C ASP A 783 11.08 15.04 -24.84
N GLU A 784 11.41 15.80 -23.81
CA GLU A 784 10.86 15.59 -22.46
C GLU A 784 9.34 15.45 -22.42
N SER A 785 8.66 16.15 -23.35
CA SER A 785 7.19 16.05 -23.49
C SER A 785 6.69 14.65 -23.90
N LYS A 786 7.57 13.70 -24.19
CA LYS A 786 7.12 12.36 -24.60
C LYS A 786 7.41 11.27 -23.56
N TRP A 787 8.13 11.59 -22.48
CA TRP A 787 8.52 10.55 -21.54
C TRP A 787 8.58 11.00 -20.08
N VAL A 788 8.78 12.29 -19.82
CA VAL A 788 9.04 12.69 -18.45
C VAL A 788 7.82 12.55 -17.58
N GLU A 789 6.67 13.06 -18.05
CA GLU A 789 5.49 12.95 -17.24
C GLU A 789 5.14 11.47 -16.96
N GLU A 790 5.33 10.59 -17.94
CA GLU A 790 5.12 9.15 -17.76
C GLU A 790 6.04 8.55 -16.67
N LEU A 791 7.27 9.03 -16.58
CA LEU A 791 8.15 8.61 -15.52
C LEU A 791 7.63 9.07 -14.15
N MET A 792 7.26 10.34 -14.05
CA MET A 792 6.69 10.88 -12.81
C MET A 792 5.45 10.14 -12.34
N LYS A 793 4.53 9.84 -13.26
CA LYS A 793 3.38 9.02 -12.97
C LYS A 793 3.73 7.65 -12.40
N MET A 794 4.67 6.96 -13.02
CA MET A 794 5.17 5.71 -12.48
C MET A 794 5.65 5.82 -11.03
N HIS A 795 6.18 6.99 -10.68
CA HIS A 795 6.77 7.22 -9.36
C HIS A 795 5.92 8.11 -8.49
N THR A 796 4.60 8.04 -8.74
CA THR A 796 3.62 8.60 -7.83
C THR A 796 3.83 8.03 -6.41
N ALA A 797 3.48 8.81 -5.40
CA ALA A 797 3.72 8.44 -4.00
C ALA A 797 2.66 9.04 -3.06
N ARG A 798 2.52 8.47 -1.86
CA ARG A 798 1.65 9.08 -0.83
C ARG A 798 2.48 10.05 -0.03
N VAL A 799 1.89 11.12 0.50
CA VAL A 799 2.68 11.99 1.37
C VAL A 799 3.30 11.12 2.50
N ARG A 800 2.56 10.13 2.98
CA ARG A 800 3.01 9.25 4.04
C ARG A 800 4.36 8.52 3.67
N ASP A 801 4.54 8.17 2.40
CA ASP A 801 5.81 7.48 1.94
C ASP A 801 6.95 8.49 2.11
N ILE A 802 6.64 9.78 1.85
CA ILE A 802 7.65 10.84 1.90
C ILE A 802 7.95 11.17 3.36
N GLU A 803 6.95 11.07 4.25
CA GLU A 803 7.24 11.26 5.68
C GLU A 803 8.25 10.21 6.22
N HIS A 804 8.08 8.95 5.83
CA HIS A 804 8.94 7.85 6.31
C HIS A 804 10.37 8.11 5.85
N LEU A 805 10.48 8.51 4.59
CA LEU A 805 11.73 8.77 3.93
C LEU A 805 12.47 10.03 4.36
N THR A 806 11.80 10.98 5.03
CA THR A 806 12.43 12.26 5.38
C THR A 806 12.39 12.58 6.90
N GLY A 807 11.59 11.87 7.69
CA GLY A 807 11.47 12.16 9.12
C GLY A 807 10.73 13.47 9.33
N LEU A 808 9.98 13.91 8.31
CA LEU A 808 9.20 15.15 8.38
C LEU A 808 7.73 14.82 8.55
N ASP A 809 6.99 15.78 9.11
CA ASP A 809 5.56 15.62 9.29
C ASP A 809 4.88 16.87 8.70
N PHE A 810 4.08 16.67 7.66
CA PHE A 810 3.48 17.74 6.85
C PHE A 810 2.03 18.04 7.35
N TYR A 811 1.46 19.11 6.83
CA TYR A 811 0.09 19.57 7.17
C TYR A 811 -0.23 19.77 8.65
N ARG A 812 0.68 20.41 9.38
CA ARG A 812 0.54 20.57 10.83
C ARG A 812 -0.46 21.67 11.16
N LYS A 813 -0.62 22.65 10.26
CA LYS A 813 -1.54 23.78 10.48
C LYS A 813 -2.59 23.94 9.38
N THR A 814 -3.74 23.33 9.55
CA THR A 814 -4.85 23.55 8.59
C THR A 814 -6.08 23.66 9.40
N SER A 815 -7.21 23.88 8.75
CA SER A 815 -8.43 23.89 9.54
C SER A 815 -9.14 22.55 9.44
N ARG A 816 -8.47 21.53 8.91
CA ARG A 816 -9.15 20.25 8.74
C ARG A 816 -8.98 19.36 9.96
N SER A 817 -9.85 18.39 10.15
CA SER A 817 -9.69 17.49 11.26
C SER A 817 -8.43 16.58 10.98
N TYR A 818 -7.83 16.10 12.02
CA TYR A 818 -6.60 15.37 11.89
C TYR A 818 -6.83 14.04 11.18
N SER A 819 -7.97 13.43 11.43
CA SER A 819 -8.37 12.21 10.76
C SER A 819 -8.42 12.41 9.28
N GLU A 820 -8.99 13.53 8.85
CA GLU A 820 -9.09 13.84 7.44
C GLU A 820 -7.69 14.07 6.82
N ILE A 821 -6.80 14.68 7.58
CA ILE A 821 -5.42 14.93 7.14
C ILE A 821 -4.68 13.60 6.99
N LEU A 822 -4.92 12.68 7.89
CA LEU A 822 -4.29 11.37 7.80
C LEU A 822 -4.74 10.63 6.52
N THR A 823 -6.04 10.70 6.21
CA THR A 823 -6.59 10.17 4.97
C THR A 823 -5.90 10.82 3.80
N LEU A 824 -5.81 12.14 3.81
CA LEU A 824 -5.13 12.84 2.74
C LEU A 824 -3.65 12.37 2.57
N LYS A 825 -2.96 12.15 3.70
CA LYS A 825 -1.53 11.73 3.66
C LYS A 825 -1.36 10.29 3.13
N THR A 826 -2.40 9.47 3.26
CA THR A 826 -2.33 8.12 2.72
C THR A 826 -2.86 8.02 1.29
N TYR A 827 -3.43 9.11 0.77
CA TYR A 827 -3.90 9.15 -0.63
C TYR A 827 -2.79 8.89 -1.66
N LEU A 828 -3.12 8.10 -2.68
CA LEU A 828 -2.19 7.91 -3.79
C LEU A 828 -2.91 8.32 -5.08
N HIS A 829 -2.36 9.25 -5.83
CA HIS A 829 -2.86 9.51 -7.19
C HIS A 829 -2.33 8.42 -8.15
N THR A 830 -3.20 7.55 -8.70
CA THR A 830 -2.71 6.43 -9.52
C THR A 830 -2.62 6.61 -11.04
N TYR A 831 -3.35 7.60 -11.59
CA TYR A 831 -3.32 7.88 -13.03
C TYR A 831 -3.90 6.77 -13.89
N GLU A 832 -4.58 5.80 -13.29
CA GLU A 832 -5.34 4.84 -14.06
C GLU A 832 -6.57 5.63 -14.49
N SER A 833 -7.28 5.14 -15.50
CA SER A 833 -8.61 5.67 -15.79
C SER A 833 -9.64 5.11 -14.77
N GLU A 834 -10.92 5.50 -14.90
CA GLU A 834 -11.99 5.10 -13.95
C GLU A 834 -12.24 3.58 -13.92
N ILE A 835 -12.94 3.09 -12.89
CA ILE A 835 -13.21 1.65 -12.73
C ILE A 835 -14.54 1.22 -13.39
C1 NAG B . 6.56 -1.12 8.35
C2 NAG B . 7.76 -0.19 8.28
C3 NAG B . 8.99 -0.92 8.91
C4 NAG B . 8.74 -1.45 10.31
C5 NAG B . 7.38 -2.15 10.37
C6 NAG B . 6.96 -2.49 11.81
C7 NAG B . 8.08 1.48 6.51
C8 NAG B . 8.44 1.76 5.08
N2 NAG B . 8.06 0.20 6.92
O3 NAG B . 10.04 -0.01 8.99
O4 NAG B . 9.67 -2.44 10.60
O5 NAG B . 6.41 -1.38 9.74
O6 NAG B . 6.91 -1.30 12.60
O7 NAG B . 7.76 2.44 7.21
C1 NAG B . 10.36 -2.27 11.84
C2 NAG B . 10.92 -3.66 12.17
C3 NAG B . 11.80 -3.55 13.41
C4 NAG B . 12.90 -2.50 13.23
C5 NAG B . 12.34 -1.17 12.68
C6 NAG B . 13.49 -0.26 12.20
C7 NAG B . 9.25 -5.45 11.53
C8 NAG B . 8.09 -6.29 12.01
N2 NAG B . 9.81 -4.58 12.41
O3 NAG B . 12.33 -4.84 13.71
O4 NAG B . 13.60 -2.22 14.44
O5 NAG B . 11.44 -1.40 11.60
O6 NAG B . 14.12 -0.83 11.05
O7 NAG B . 9.62 -5.58 10.37
C1 BMA B . 14.82 -3.02 14.55
C2 BMA B . 15.96 -2.23 15.22
C3 BMA B . 17.21 -3.11 15.49
C4 BMA B . 16.79 -4.43 16.17
C5 BMA B . 15.63 -5.13 15.44
C6 BMA B . 15.06 -6.30 16.21
O2 BMA B . 15.45 -1.63 16.40
O3 BMA B . 18.20 -2.47 16.31
O4 BMA B . 17.87 -5.33 16.22
O5 BMA B . 14.56 -4.23 15.24
O6 BMA B . 13.96 -6.78 15.47
C1 MAN B . 13.61 -8.15 15.80
C2 MAN B . 13.20 -8.92 14.54
C3 MAN B . 11.86 -8.38 13.97
C4 MAN B . 10.81 -8.35 15.08
C5 MAN B . 11.34 -7.62 16.31
C6 MAN B . 10.33 -7.52 17.46
O2 MAN B . 13.08 -10.29 14.87
O3 MAN B . 11.32 -9.14 12.89
O4 MAN B . 9.62 -7.75 14.61
O5 MAN B . 12.55 -8.25 16.74
O6 MAN B . 9.87 -8.81 17.83
C1 MAN B . 12.07 -9.06 11.65
C2 MAN B . 11.10 -9.11 10.44
C3 MAN B . 10.44 -10.49 10.37
C4 MAN B . 11.52 -11.57 10.31
C5 MAN B . 12.54 -11.41 11.45
C6 MAN B . 13.67 -12.40 11.33
O2 MAN B . 11.88 -8.98 9.26
O3 MAN B . 9.61 -10.61 9.22
O4 MAN B . 10.94 -12.86 10.33
O5 MAN B . 13.06 -10.07 11.48
O6 MAN B . 14.62 -12.02 12.28
C1 MAN B . 11.91 -7.65 8.69
C2 MAN B . 12.41 -7.78 7.24
C3 MAN B . 13.92 -7.94 7.18
C4 MAN B . 14.65 -6.90 8.04
C5 MAN B . 14.12 -6.94 9.49
C6 MAN B . 14.76 -5.88 10.40
O2 MAN B . 12.07 -6.66 6.46
O3 MAN B . 14.27 -7.80 5.83
O4 MAN B . 16.05 -7.08 8.00
O5 MAN B . 12.70 -6.74 9.48
O6 MAN B . 14.32 -6.11 11.71
C1 MAN B . 8.72 -8.74 18.71
C2 MAN B . 8.98 -9.72 19.86
C3 MAN B . 9.11 -11.13 19.26
C4 MAN B . 8.00 -11.48 18.24
C5 MAN B . 7.54 -10.30 17.36
C6 MAN B . 6.23 -10.56 16.62
O2 MAN B . 8.02 -9.68 20.91
O3 MAN B . 9.23 -12.06 20.33
O4 MAN B . 8.45 -12.49 17.35
O5 MAN B . 7.48 -9.04 18.06
O6 MAN B . 6.18 -9.59 15.60
C1 MAN B . 19.34 -1.79 15.67
C2 MAN B . 20.59 -1.88 16.59
C3 MAN B . 20.83 -0.73 17.61
C4 MAN B . 20.06 0.59 17.36
C5 MAN B . 18.81 0.35 16.53
C6 MAN B . 18.05 1.66 16.28
O2 MAN B . 21.78 -1.98 15.82
O3 MAN B . 22.21 -0.40 17.69
O4 MAN B . 19.71 1.14 18.62
O5 MAN B . 19.10 -0.41 15.35
O6 MAN B . 17.27 1.95 17.43
C1 MAN B . 22.41 -3.27 15.99
C2 MAN B . 23.93 -3.13 16.13
C3 MAN B . 24.53 -2.60 14.80
C4 MAN B . 24.05 -3.43 13.60
C5 MAN B . 22.51 -3.53 13.62
C6 MAN B . 21.92 -4.28 12.42
O2 MAN B . 24.48 -4.38 16.53
O3 MAN B . 25.94 -2.49 14.79
O4 MAN B . 24.48 -2.81 12.42
O5 MAN B . 22.08 -4.10 14.87
O6 MAN B . 21.86 -5.66 12.70
C10 YFX C . -3.86 -21.66 -1.81
C11 YFX C . -4.79 -20.96 -2.83
O12 YFX C . -2.79 -22.16 -2.12
C13 YFX C . -3.99 -19.90 -3.65
C15 YFX C . -5.48 -22.05 -3.74
C16 YFX C . -6.23 -21.33 -4.80
C17 YFX C . -5.96 -19.99 -5.22
C21 YFX C . -7.53 -20.15 4.58
C23 YFX C . -8.00 -18.23 6.04
C25 YFX C . -7.40 -16.85 6.20
C26 YFX C . -8.24 -15.74 5.94
C27 YFX C . -7.78 -14.41 6.12
C28 YFX C . -6.44 -14.25 6.63
C1 YFX C . -5.51 -21.16 0.22
N2 YFX C . -4.25 -21.71 -0.41
C3 YFX C . -3.66 -22.24 0.85
C4 YFX C . -4.89 -21.56 1.60
C5 YFX C . -5.80 -19.63 2.87
C6 YFX C . -4.50 -20.30 2.44
C7 YFX C . -5.76 -22.54 2.39
C8 YFX C . -7.03 -21.83 2.80
N9 YFX C . -6.64 -20.65 3.61
C14 YFX C . -4.86 -19.10 -4.69
N18 YFX C . -6.93 -19.72 -6.20
N19 YFX C . -7.72 -20.84 -6.37
N20 YFX C . -7.33 -21.79 -5.56
O22 YFX C . -7.40 -18.78 4.84
O24 YFX C . -8.38 -20.87 5.09
C29 YFX C . -5.64 -15.34 6.85
C30 YFX C . -6.11 -16.61 6.61
O31 YFX C . -6.01 -12.97 6.81
C32 YFX C . -6.85 -12.01 6.27
C33 YFX C . -7.58 -11.37 7.49
F34 YFX C . -6.82 -11.13 8.59
F35 YFX C . -8.07 -10.16 7.08
F36 YFX C . -8.62 -12.12 7.86
F37 YFX C . -9.52 -16.03 5.58
C10 ZIS D . 7.64 -17.71 14.89
C11 ZIS D . 8.21 -16.66 13.97
O12 ZIS D . 8.25 -18.21 15.83
C13 ZIS D . 9.64 -16.94 13.39
C15 ZIS D . 8.17 -15.37 14.84
C16 ZIS D . 8.60 -14.30 13.97
C17 ZIS D . 9.44 -14.52 12.83
C21 ZIS D . 0.69 -18.72 12.94
C23 ZIS D . -0.82 -20.21 11.83
C25 ZIS D . -1.06 -19.60 10.46
C26 ZIS D . -2.43 -19.55 10.03
C27 ZIS D . -2.80 -18.91 8.87
C28 ZIS D . -1.76 -18.38 8.08
C1 ZIS D . 5.42 -17.52 13.55
N2 ZIS D . 6.31 -18.04 14.62
C3 ZIS D . 5.31 -18.97 15.24
C4 ZIS D . 4.31 -18.48 14.13
C5 ZIS D . 2.37 -17.06 13.56
C6 ZIS D . 3.14 -17.72 14.71
C7 ZIS D . 3.83 -19.56 13.18
C8 ZIS D . 3.00 -18.89 12.03
N9 ZIS D . 1.89 -18.07 12.59
C14 ZIS D . 10.01 -15.84 12.35
N18 ZIS D . 9.59 -13.24 12.32
N19 ZIS D . 8.90 -12.32 13.11
N20 ZIS D . 8.31 -12.92 14.09
O22 ZIS D . 0.49 -19.86 12.24
O24 ZIS D . -0.10 -18.36 13.77
C29 ZIS D . -0.40 -18.44 8.44
C30 ZIS D . -0.08 -19.05 9.63
O31 ZIS D . -2.24 -17.84 6.90
C32 ZIS D . -1.29 -17.30 6.01
C33 ZIS D . -2.16 -16.45 4.97
F34 ZIS D . -1.40 -16.01 3.94
F35 ZIS D . -3.16 -17.16 4.39
F36 ZIS D . -2.74 -15.33 5.55
F37 ZIS D . -3.35 -20.23 10.73
C21 YFX E . 1.18 -22.68 14.21
C21 YFX E . 0.05 -24.18 14.33
C23 YFX E . 1.93 -23.35 12.03
C23 YFX E . 1.33 -23.76 12.32
C25 YFX E . 1.38 -22.93 10.66
C25 YFX E . 0.96 -23.28 10.92
C26 YFX E . 2.21 -22.15 9.80
C26 YFX E . 1.90 -22.51 10.17
C27 YFX E . 1.80 -21.74 8.54
C27 YFX E . 1.63 -22.03 8.89
C28 YFX E . 0.54 -22.11 8.11
C28 YFX E . 0.40 -22.33 8.33
C1 YFX E . 2.09 -19.35 17.73
C1 YFX E . -2.90 -20.09 16.04
N2 YFX E . 1.78 -18.99 19.14
N2 YFX E . -2.94 -19.80 17.51
C3 YFX E . 1.42 -20.39 19.52
C3 YFX E . -1.77 -20.70 17.80
C4 YFX E . 1.40 -20.73 17.99
C4 YFX E . -1.86 -21.21 16.33
C5 YFX E . 2.55 -21.79 16.11
C5 YFX E . 0.45 -22.18 15.81
C6 YFX E . 2.24 -21.92 17.61
C6 YFX E . -0.55 -21.04 15.57
C7 YFX E . 0.02 -20.87 17.36
C7 YFX E . -2.42 -22.61 16.13
C8 YFX E . 0.16 -20.93 15.81
C8 YFX E . -1.38 -23.72 16.40
N9 YFX E . 1.31 -21.74 15.28
N9 YFX E . -0.16 -23.52 15.60
O22 YFX E . 1.79 -22.31 13.02
O22 YFX E . 0.34 -23.33 13.27
O24 YFX E . 0.59 -23.75 14.29
O24 YFX E . -0.01 -25.41 14.14
C29 YFX E . -0.31 -22.88 8.90
C29 YFX E . -0.55 -23.08 9.03
C30 YFX E . 0.13 -23.28 10.18
C30 YFX E . -0.25 -23.55 10.31
O31 YFX E . 0.26 -21.63 6.85
O31 YFX E . 0.23 -21.80 7.09
C32 YFX E . -0.98 -21.96 6.32
C32 YFX E . -1.00 -22.08 6.51
C33 YFX E . -0.88 -21.52 4.80
C33 YFX E . -0.82 -21.62 5.01
F34 YFX E . -1.40 -20.34 4.55
F34 YFX E . -1.49 -20.53 4.72
F35 YFX E . 0.37 -21.45 4.34
F35 YFX E . 0.44 -21.38 4.67
F36 YFX E . -1.51 -22.35 3.98
F36 YFX E . -1.26 -22.51 4.13
F37 YFX E . 3.42 -21.77 10.16
F37 YFX E . 3.10 -22.22 10.66
ZN ZN F . -4.98 -16.83 -8.36
NA NA G . 16.52 5.68 -22.16
CA CA H . 17.10 4.21 4.78
NA NA I . 30.26 18.33 -12.59
CL CL J . 5.47 -14.90 -6.49
CA CA K . -5.61 -14.81 -4.16
C ACT L . -3.24 -18.80 -7.77
O ACT L . -2.00 -18.96 -7.61
OXT ACT L . -3.79 -17.68 -7.60
CH3 ACT L . -4.05 -19.99 -8.20
C ACT M . 1.34 -1.98 -15.83
O ACT M . 1.24 -0.74 -15.61
OXT ACT M . 0.74 -2.51 -16.80
CH3 ACT M . 2.20 -2.86 -14.93
C ACT N . 28.91 21.33 -13.03
O ACT N . 29.40 20.17 -12.81
OXT ACT N . 27.83 21.45 -13.67
CH3 ACT N . 29.63 22.59 -12.55
#